data_8VC5
#
_entry.id   8VC5
#
_cell.length_a   46.814
_cell.length_b   134.833
_cell.length_c   181.625
_cell.angle_alpha   90.00
_cell.angle_beta   90.00
_cell.angle_gamma   90.00
#
_symmetry.space_group_name_H-M   'P 21 21 21'
#
loop_
_entity.id
_entity.type
_entity.pdbx_description
1 polymer 'Glutamate--tRNA ligase'
2 non-polymer 'CITRATE ANION'
3 non-polymer 'SULFATE ION'
4 non-polymer 'ZINC ION'
5 non-polymer 'NONAETHYLENE GLYCOL'
6 non-polymer GLYCEROL
7 water water
#
_entity_poly.entity_id   1
_entity_poly.type   'polypeptide(L)'
_entity_poly.pdbx_seq_one_letter_code
;MAHHHHHHMTTVRTRIAPSPTGDPHVGTAYIALFNLCFARQHGGQFILRIEDTDQLRSTRESEQQIYDALRWLGIEWDEG
PDVGGPHGPYRQSERGHIYKKYSDELVEKGHAFTCFCTPERLDAVRAEQMARKETPRYDGHCMHLPKDEVQRRLAAGESH
VTRMKVPTEGVCVVPDMLRGDVEIPWDRMDMQVLMKADGLPTYFLANVVDDHLMGITHVLRGEEWLPSAPKLIKLYEYFG
WEQPQLCYMPLLRNPDKSKLSKRKNPTSITFYERMGYLPQALLNYLGRMGWSMPDEREKFTLAEMIEHFDLSRVSLGGPI
FDLEKLSWLNGQWIREQSVEEFAREVQKWALNPEYLMKIAPHVQGRVENFSQIAPLAGFFFSGGVPLDASLFEHKKLDPT
QVRQVLQLVLWKLESLRQWEKERITGCIQAVAEHLQLKLRDVMPLMFPAITGHASSVSVLDAMEILGADLSRYRLRQALE
LLGGASKKETKEWEKIRDAIPG
;
_entity_poly.pdbx_strand_id   A,B
#
loop_
_chem_comp.id
_chem_comp.type
_chem_comp.name
_chem_comp.formula
2PE non-polymer 'NONAETHYLENE GLYCOL' 'C18 H38 O10'
FLC non-polymer 'CITRATE ANION' 'C6 H5 O7 -3'
GOL non-polymer GLYCEROL 'C3 H8 O3'
SO4 non-polymer 'SULFATE ION' 'O4 S -2'
ZN non-polymer 'ZINC ION' 'Zn 2'
#
# COMPACT_ATOMS: atom_id res chain seq x y z
N MET A 9 -8.73 -21.31 51.93
CA MET A 9 -8.24 -22.17 50.82
C MET A 9 -9.19 -22.13 49.64
N THR A 10 -10.09 -21.16 49.63
CA THR A 10 -11.08 -21.04 48.57
C THR A 10 -10.43 -20.47 47.31
N THR A 11 -10.69 -21.12 46.18
CA THR A 11 -10.13 -20.66 44.91
C THR A 11 -10.80 -19.37 44.49
N VAL A 12 -10.00 -18.40 44.04
CA VAL A 12 -10.53 -17.11 43.60
C VAL A 12 -11.21 -17.28 42.24
N ARG A 13 -12.30 -16.54 42.04
CA ARG A 13 -13.04 -16.56 40.78
C ARG A 13 -13.56 -15.16 40.52
N THR A 14 -13.12 -14.56 39.42
CA THR A 14 -13.57 -13.23 38.99
C THR A 14 -14.27 -13.34 37.66
N ARG A 15 -14.93 -12.25 37.27
CA ARG A 15 -15.66 -12.24 36.01
C ARG A 15 -15.63 -10.85 35.39
N ILE A 16 -15.87 -10.82 34.08
CA ILE A 16 -16.27 -9.63 33.36
C ILE A 16 -17.66 -9.92 32.79
N ALA A 17 -18.56 -8.95 32.88
CA ALA A 17 -19.97 -9.15 32.56
C ALA A 17 -20.44 -8.05 31.63
N PRO A 18 -19.97 -8.04 30.39
CA PRO A 18 -20.36 -6.99 29.45
C PRO A 18 -21.74 -7.22 28.84
N SER A 19 -22.39 -6.13 28.48
CA SER A 19 -23.63 -6.18 27.71
C SER A 19 -23.32 -6.06 26.23
N PRO A 20 -23.83 -6.97 25.37
CA PRO A 20 -23.56 -6.87 23.94
C PRO A 20 -24.47 -5.85 23.23
N THR A 21 -24.37 -4.59 23.66
CA THR A 21 -25.24 -3.53 23.19
C THR A 21 -24.55 -2.58 22.22
N GLY A 22 -23.30 -2.83 21.86
CA GLY A 22 -22.63 -1.95 20.92
C GLY A 22 -21.20 -2.42 20.69
N ASP A 23 -20.37 -1.48 20.26
CA ASP A 23 -18.98 -1.80 20.00
C ASP A 23 -18.27 -2.18 21.30
N PRO A 24 -17.32 -3.10 21.25
CA PRO A 24 -16.50 -3.38 22.44
C PRO A 24 -15.74 -2.13 22.86
N HIS A 25 -15.81 -1.80 24.14
CA HIS A 25 -15.32 -0.53 24.64
C HIS A 25 -14.02 -0.71 25.41
N VAL A 26 -13.15 0.31 25.32
CA VAL A 26 -11.89 0.29 26.04
C VAL A 26 -12.12 0.11 27.53
N GLY A 27 -13.15 0.78 28.07
CA GLY A 27 -13.46 0.61 29.49
C GLY A 27 -13.68 -0.84 29.86
N THR A 28 -14.35 -1.60 28.98
CA THR A 28 -14.58 -3.01 29.26
C THR A 28 -13.27 -3.76 29.33
N ALA A 29 -12.36 -3.52 28.38
CA ALA A 29 -11.05 -4.17 28.42
C ALA A 29 -10.29 -3.81 29.69
N TYR A 30 -10.39 -2.55 30.11
CA TYR A 30 -9.72 -2.11 31.32
C TYR A 30 -10.17 -2.91 32.54
N ILE A 31 -11.49 -3.01 32.74
CA ILE A 31 -12.01 -3.75 33.88
C ILE A 31 -11.69 -5.24 33.73
N ALA A 32 -11.80 -5.77 32.50
CA ALA A 32 -11.48 -7.17 32.28
C ALA A 32 -10.03 -7.47 32.65
N LEU A 33 -9.11 -6.55 32.33
CA LEU A 33 -7.71 -6.77 32.65
C LEU A 33 -7.50 -6.90 34.16
N PHE A 34 -8.16 -6.05 34.95
CA PHE A 34 -8.00 -6.10 36.40
C PHE A 34 -8.54 -7.40 36.97
N ASN A 35 -9.75 -7.79 36.54
CA ASN A 35 -10.32 -9.04 37.03
C ASN A 35 -9.48 -10.23 36.61
N LEU A 36 -8.88 -10.18 35.41
CA LEU A 36 -8.03 -11.26 34.96
C LEU A 36 -6.77 -11.35 35.80
N CYS A 37 -6.08 -10.24 36.01
CA CYS A 37 -4.84 -10.26 36.77
C CYS A 37 -5.08 -10.70 38.21
N PHE A 38 -6.18 -10.22 38.82
CA PHE A 38 -6.44 -10.59 40.20
C PHE A 38 -6.67 -12.09 40.34
N ALA A 39 -7.36 -12.71 39.38
CA ALA A 39 -7.59 -14.14 39.44
C ALA A 39 -6.31 -14.91 39.16
N ARG A 40 -5.52 -14.49 38.18
CA ARG A 40 -4.27 -15.17 37.89
C ARG A 40 -3.26 -14.95 39.02
N GLN A 41 -3.25 -13.76 39.62
CA GLN A 41 -2.39 -13.51 40.77
C GLN A 41 -2.62 -14.55 41.86
N HIS A 42 -3.87 -14.92 42.10
CA HIS A 42 -4.23 -15.82 43.19
C HIS A 42 -4.48 -17.25 42.72
N GLY A 43 -4.04 -17.60 41.52
CA GLY A 43 -4.23 -18.96 41.02
C GLY A 43 -5.67 -19.35 40.84
N GLY A 44 -6.53 -18.40 40.45
CA GLY A 44 -7.94 -18.66 40.26
C GLY A 44 -8.35 -18.64 38.80
N GLN A 45 -9.66 -18.60 38.59
CA GLN A 45 -10.26 -18.61 37.27
C GLN A 45 -10.89 -17.26 36.95
N PHE A 46 -10.92 -16.93 35.66
CA PHE A 46 -11.51 -15.69 35.16
C PHE A 46 -12.63 -16.05 34.18
N ILE A 47 -13.83 -15.54 34.46
CA ILE A 47 -15.04 -15.94 33.75
C ILE A 47 -15.54 -14.77 32.92
N LEU A 48 -16.14 -15.08 31.77
CA LEU A 48 -16.83 -14.10 30.95
C LEU A 48 -18.31 -14.47 30.90
N ARG A 49 -19.17 -13.53 31.30
CA ARG A 49 -20.61 -13.73 31.30
C ARG A 49 -21.25 -12.66 30.43
N ILE A 50 -22.05 -13.08 29.46
CA ILE A 50 -22.74 -12.15 28.57
C ILE A 50 -24.07 -11.78 29.22
N GLU A 51 -24.24 -10.49 29.51
CA GLU A 51 -25.47 -9.98 30.12
C GLU A 51 -26.35 -9.42 29.01
N ASP A 52 -27.05 -10.32 28.32
CA ASP A 52 -27.96 -9.95 27.25
C ASP A 52 -29.41 -9.97 27.71
N THR A 53 -29.66 -9.53 28.95
CA THR A 53 -31.03 -9.44 29.44
C THR A 53 -31.82 -8.35 28.73
N ASP A 54 -31.14 -7.39 28.12
CA ASP A 54 -31.81 -6.34 27.33
C ASP A 54 -31.89 -6.86 25.89
N GLN A 55 -32.95 -7.61 25.60
CA GLN A 55 -33.12 -8.23 24.30
C GLN A 55 -33.62 -7.27 23.24
N LEU A 56 -33.76 -5.98 23.56
CA LEU A 56 -34.03 -4.97 22.55
C LEU A 56 -32.76 -4.28 22.05
N ARG A 57 -31.67 -4.38 22.80
CA ARG A 57 -30.39 -3.80 22.42
C ARG A 57 -29.29 -4.82 22.21
N SER A 58 -29.48 -6.07 22.65
CA SER A 58 -28.45 -7.09 22.53
C SER A 58 -28.55 -7.78 21.18
N THR A 59 -27.39 -8.06 20.59
CA THR A 59 -27.31 -8.72 19.29
C THR A 59 -26.23 -9.80 19.33
N ARG A 60 -26.41 -10.83 18.51
CA ARG A 60 -25.41 -11.90 18.44
C ARG A 60 -24.13 -11.42 17.78
N GLU A 61 -24.23 -10.41 16.91
CA GLU A 61 -23.03 -9.84 16.29
C GLU A 61 -22.18 -9.11 17.32
N SER A 62 -22.82 -8.29 18.16
CA SER A 62 -22.08 -7.58 19.20
C SER A 62 -21.43 -8.54 20.18
N GLU A 63 -22.06 -9.68 20.46
CA GLU A 63 -21.44 -10.69 21.29
C GLU A 63 -20.09 -11.11 20.72
N GLN A 64 -20.07 -11.48 19.44
CA GLN A 64 -18.84 -11.96 18.83
C GLN A 64 -17.79 -10.85 18.76
N GLN A 65 -18.22 -9.60 18.55
CA GLN A 65 -17.26 -8.50 18.56
C GLN A 65 -16.57 -8.36 19.91
N ILE A 66 -17.30 -8.67 20.99
CA ILE A 66 -16.69 -8.64 22.32
C ILE A 66 -15.60 -9.70 22.42
N TYR A 67 -15.91 -10.92 21.98
CA TYR A 67 -14.93 -12.00 22.04
C TYR A 67 -13.69 -11.65 21.21
N ASP A 68 -13.90 -11.18 19.97
CA ASP A 68 -12.79 -10.93 19.07
C ASP A 68 -11.91 -9.78 19.57
N ALA A 69 -12.53 -8.73 20.10
CA ALA A 69 -11.76 -7.58 20.56
C ALA A 69 -10.92 -7.93 21.78
N LEU A 70 -11.51 -8.62 22.76
CA LEU A 70 -10.76 -8.99 23.95
C LEU A 70 -9.66 -10.00 23.62
N ARG A 71 -10.01 -11.03 22.84
CA ARG A 71 -9.00 -12.02 22.45
C ARG A 71 -7.89 -11.37 21.64
N TRP A 72 -8.24 -10.43 20.76
CA TRP A 72 -7.22 -9.70 20.02
C TRP A 72 -6.28 -8.96 20.97
N LEU A 73 -6.84 -8.36 22.03
CA LEU A 73 -6.03 -7.68 23.03
C LEU A 73 -5.13 -8.64 23.81
N GLY A 74 -5.42 -9.94 23.76
CA GLY A 74 -4.67 -10.92 24.52
C GLY A 74 -5.37 -11.38 25.79
N ILE A 75 -6.60 -10.93 26.03
CA ILE A 75 -7.36 -11.34 27.20
C ILE A 75 -8.06 -12.65 26.88
N GLU A 76 -7.95 -13.61 27.80
CA GLU A 76 -8.55 -14.92 27.66
C GLU A 76 -9.24 -15.28 28.97
N TRP A 77 -10.34 -16.02 28.86
CA TRP A 77 -11.12 -16.43 30.02
C TRP A 77 -11.22 -17.95 30.06
N ASP A 78 -11.38 -18.49 31.27
CA ASP A 78 -11.41 -19.94 31.45
C ASP A 78 -12.80 -20.52 31.23
N GLU A 79 -13.84 -19.71 31.39
CA GLU A 79 -15.21 -20.17 31.19
C GLU A 79 -16.01 -19.05 30.53
N GLY A 80 -16.90 -19.41 29.61
CA GLY A 80 -17.69 -18.45 28.90
C GLY A 80 -18.57 -19.08 27.84
N PRO A 81 -19.39 -18.26 27.17
CA PRO A 81 -20.31 -18.82 26.17
C PRO A 81 -19.61 -19.49 25.00
N ASP A 82 -18.44 -18.99 24.59
CA ASP A 82 -17.74 -19.52 23.43
C ASP A 82 -16.80 -20.68 23.77
N VAL A 83 -16.56 -20.94 25.05
CA VAL A 83 -15.66 -22.02 25.46
C VAL A 83 -16.32 -23.03 26.38
N GLY A 84 -17.55 -22.78 26.85
CA GLY A 84 -18.18 -23.67 27.79
C GLY A 84 -17.69 -23.42 29.21
N GLY A 85 -18.02 -24.37 30.08
CA GLY A 85 -17.66 -24.27 31.48
C GLY A 85 -18.66 -24.96 32.38
N PRO A 86 -18.21 -25.43 33.54
CA PRO A 86 -19.08 -26.24 34.40
C PRO A 86 -20.14 -25.46 35.16
N HIS A 87 -20.11 -24.13 35.11
CA HIS A 87 -21.07 -23.30 35.84
C HIS A 87 -21.93 -22.47 34.90
N GLY A 88 -22.12 -22.95 33.67
CA GLY A 88 -22.93 -22.26 32.70
C GLY A 88 -24.40 -22.57 32.90
N PRO A 89 -25.25 -22.09 31.97
CA PRO A 89 -24.92 -21.28 30.78
C PRO A 89 -24.30 -19.93 31.15
N TYR A 90 -23.53 -19.33 30.24
CA TYR A 90 -22.88 -18.06 30.49
C TYR A 90 -23.50 -16.91 29.73
N ARG A 91 -24.66 -17.14 29.09
CA ARG A 91 -25.47 -16.09 28.50
C ARG A 91 -26.73 -15.95 29.35
N GLN A 92 -26.98 -14.73 29.85
CA GLN A 92 -28.10 -14.54 30.75
C GLN A 92 -29.44 -14.79 30.09
N SER A 93 -29.49 -14.78 28.75
CA SER A 93 -30.70 -15.11 28.03
C SER A 93 -31.00 -16.61 28.00
N GLU A 94 -30.05 -17.44 28.43
CA GLU A 94 -30.27 -18.88 28.50
C GLU A 94 -30.55 -19.35 29.93
N ARG A 95 -30.79 -18.41 30.84
CA ARG A 95 -30.96 -18.71 32.27
C ARG A 95 -32.28 -18.18 32.79
N GLY A 96 -33.29 -18.06 31.91
CA GLY A 96 -34.55 -17.48 32.33
C GLY A 96 -35.17 -18.18 33.52
N HIS A 97 -35.24 -19.51 33.49
CA HIS A 97 -35.84 -20.25 34.59
C HIS A 97 -35.15 -19.96 35.90
N ILE A 98 -33.82 -19.75 35.87
CA ILE A 98 -33.07 -19.54 37.10
C ILE A 98 -33.53 -18.27 37.80
N TYR A 99 -33.69 -17.18 37.05
CA TYR A 99 -34.02 -15.90 37.68
C TYR A 99 -35.44 -15.90 38.23
N LYS A 100 -36.37 -16.57 37.56
CA LYS A 100 -37.74 -16.65 38.08
C LYS A 100 -37.76 -17.36 39.42
N LYS A 101 -37.01 -18.47 39.54
CA LYS A 101 -36.97 -19.23 40.79
C LYS A 101 -36.61 -18.34 41.97
N TYR A 102 -35.53 -17.56 41.83
CA TYR A 102 -35.04 -16.77 42.95
C TYR A 102 -35.85 -15.50 43.15
N SER A 103 -36.42 -14.94 42.08
CA SER A 103 -37.34 -13.82 42.26
C SER A 103 -38.59 -14.25 43.00
N ASP A 104 -39.06 -15.48 42.75
CA ASP A 104 -40.25 -15.97 43.44
C ASP A 104 -39.97 -16.21 44.91
N GLU A 105 -38.78 -16.75 45.24
CA GLU A 105 -38.43 -16.96 46.64
C GLU A 105 -38.47 -15.65 47.42
N LEU A 106 -37.88 -14.60 46.85
CA LEU A 106 -37.89 -13.30 47.54
C LEU A 106 -39.31 -12.85 47.85
N VAL A 107 -40.22 -13.01 46.90
CA VAL A 107 -41.61 -12.63 47.13
C VAL A 107 -42.23 -13.55 48.19
N GLU A 108 -42.00 -14.86 48.07
CA GLU A 108 -42.54 -15.80 49.04
C GLU A 108 -42.09 -15.44 50.45
N LYS A 109 -40.82 -15.09 50.63
CA LYS A 109 -40.28 -14.74 51.94
C LYS A 109 -40.58 -13.30 52.34
N GLY A 110 -41.33 -12.55 51.53
CA GLY A 110 -41.73 -11.21 51.91
C GLY A 110 -40.73 -10.11 51.64
N HIS A 111 -39.61 -10.42 50.98
CA HIS A 111 -38.59 -9.42 50.70
C HIS A 111 -38.79 -8.72 49.37
N ALA A 112 -39.75 -9.16 48.55
CA ALA A 112 -40.11 -8.50 47.31
C ALA A 112 -41.63 -8.62 47.14
N PHE A 113 -42.17 -7.84 46.20
CA PHE A 113 -43.60 -7.82 46.00
C PHE A 113 -43.92 -7.60 44.53
N THR A 114 -45.14 -7.96 44.15
CA THR A 114 -45.63 -7.78 42.80
C THR A 114 -46.24 -6.39 42.65
N CYS A 115 -45.89 -5.72 41.55
CA CYS A 115 -46.36 -4.38 41.26
C CYS A 115 -47.09 -4.38 39.92
N PHE A 116 -48.32 -3.88 39.92
CA PHE A 116 -49.14 -3.80 38.72
C PHE A 116 -49.21 -2.39 38.16
N CYS A 117 -48.44 -1.45 38.71
CA CYS A 117 -48.49 -0.07 38.25
C CYS A 117 -48.17 0.01 36.77
N THR A 118 -49.12 0.53 36.00
CA THR A 118 -48.93 0.70 34.57
C THR A 118 -47.99 1.89 34.31
N PRO A 119 -47.38 1.93 33.12
CA PRO A 119 -46.53 3.10 32.81
C PRO A 119 -47.25 4.42 32.94
N GLU A 120 -48.56 4.46 32.66
CA GLU A 120 -49.31 5.70 32.86
C GLU A 120 -49.41 6.06 34.34
N ARG A 121 -49.42 5.06 35.22
CA ARG A 121 -49.45 5.31 36.65
C ARG A 121 -48.11 5.83 37.15
N LEU A 122 -47.03 5.13 36.84
CA LEU A 122 -45.71 5.52 37.36
C LEU A 122 -45.34 6.93 36.90
N ASP A 123 -45.67 7.29 35.66
CA ASP A 123 -45.38 8.64 35.17
C ASP A 123 -46.14 9.69 35.98
N ALA A 124 -47.39 9.40 36.34
CA ALA A 124 -48.18 10.36 37.10
C ALA A 124 -47.59 10.57 38.49
N VAL A 125 -47.16 9.49 39.15
CA VAL A 125 -46.57 9.62 40.48
C VAL A 125 -45.30 10.45 40.42
N ARG A 126 -44.46 10.21 39.40
CA ARG A 126 -43.21 10.95 39.30
C ARG A 126 -43.45 12.44 39.16
N ALA A 127 -44.51 12.82 38.43
CA ALA A 127 -44.84 14.23 38.28
C ALA A 127 -45.26 14.85 39.60
N GLU A 128 -46.18 14.19 40.31
CA GLU A 128 -46.64 14.73 41.59
C GLU A 128 -45.51 14.82 42.61
N GLN A 129 -44.48 13.99 42.47
CA GLN A 129 -43.36 14.02 43.40
C GLN A 129 -42.41 15.17 43.08
N MET A 130 -42.07 15.35 41.80
CA MET A 130 -41.21 16.46 41.41
C MET A 130 -41.84 17.80 41.74
N ALA A 131 -43.18 17.85 41.80
CA ALA A 131 -43.87 19.08 42.17
C ALA A 131 -43.85 19.33 43.67
N ARG A 132 -43.61 18.30 44.48
CA ARG A 132 -43.52 18.44 45.93
C ARG A 132 -42.07 18.52 46.40
N LYS A 133 -41.14 18.80 45.50
CA LYS A 133 -39.70 18.89 45.81
C LYS A 133 -39.16 17.60 46.41
N GLU A 134 -39.88 16.50 46.26
CA GLU A 134 -39.47 15.22 46.82
C GLU A 134 -38.58 14.46 45.83
N THR A 135 -37.78 13.56 46.36
CA THR A 135 -36.94 12.71 45.52
C THR A 135 -37.83 11.69 44.82
N PRO A 136 -37.75 11.57 43.49
CA PRO A 136 -38.63 10.62 42.79
C PRO A 136 -38.30 9.19 43.14
N ARG A 137 -39.33 8.46 43.58
CA ARG A 137 -39.19 7.06 43.97
C ARG A 137 -40.54 6.39 43.79
N TYR A 138 -40.52 5.07 43.62
CA TYR A 138 -41.77 4.32 43.61
C TYR A 138 -42.50 4.56 44.92
N ASP A 139 -43.77 4.95 44.83
CA ASP A 139 -44.51 5.34 46.02
C ASP A 139 -44.90 4.18 46.92
N GLY A 140 -44.55 2.95 46.56
CA GLY A 140 -44.92 1.80 47.35
C GLY A 140 -46.35 1.35 47.21
N HIS A 141 -47.07 1.84 46.19
CA HIS A 141 -48.49 1.57 46.05
C HIS A 141 -48.81 0.09 46.22
N CYS A 142 -48.22 -0.76 45.38
CA CYS A 142 -48.57 -2.18 45.37
C CYS A 142 -48.03 -2.94 46.57
N MET A 143 -47.17 -2.32 47.38
CA MET A 143 -46.62 -3.01 48.54
C MET A 143 -47.71 -3.38 49.54
N HIS A 144 -48.76 -2.57 49.62
CA HIS A 144 -49.86 -2.81 50.54
C HIS A 144 -51.10 -3.32 49.79
N LEU A 145 -50.94 -4.36 48.98
CA LEU A 145 -52.06 -4.94 48.24
C LEU A 145 -52.52 -6.23 48.92
N PRO A 146 -53.83 -6.43 49.11
CA PRO A 146 -54.28 -7.70 49.68
C PRO A 146 -53.91 -8.88 48.80
N LYS A 147 -53.76 -10.04 49.42
CA LYS A 147 -53.48 -11.25 48.66
C LYS A 147 -54.65 -11.60 47.73
N ASP A 148 -55.87 -11.23 48.12
CA ASP A 148 -57.02 -11.46 47.25
C ASP A 148 -56.88 -10.71 45.93
N GLU A 149 -56.55 -9.41 46.01
CA GLU A 149 -56.43 -8.63 44.79
C GLU A 149 -55.27 -9.11 43.93
N VAL A 150 -54.16 -9.49 44.55
CA VAL A 150 -53.00 -9.93 43.78
C VAL A 150 -53.33 -11.20 43.00
N GLN A 151 -54.00 -12.15 43.65
CA GLN A 151 -54.39 -13.38 42.97
C GLN A 151 -55.31 -13.09 41.79
N ARG A 152 -56.25 -12.16 41.96
CA ARG A 152 -57.18 -11.83 40.89
C ARG A 152 -56.45 -11.23 39.70
N ARG A 153 -55.67 -10.18 39.94
CA ARG A 153 -55.03 -9.47 38.84
C ARG A 153 -54.08 -10.38 38.06
N LEU A 154 -53.44 -11.33 38.74
CA LEU A 154 -52.56 -12.27 38.05
C LEU A 154 -53.37 -13.30 37.26
N ALA A 155 -54.53 -13.71 37.77
CA ALA A 155 -55.36 -14.66 37.04
C ALA A 155 -55.92 -14.06 35.76
N ALA A 156 -56.13 -12.74 35.73
CA ALA A 156 -56.56 -12.05 34.52
C ALA A 156 -55.41 -11.77 33.57
N GLY A 157 -54.19 -12.14 33.93
CA GLY A 157 -53.05 -11.93 33.06
C GLY A 157 -52.54 -10.51 33.00
N GLU A 158 -52.81 -9.70 34.01
CA GLU A 158 -52.43 -8.30 33.97
C GLU A 158 -50.92 -8.14 34.08
N SER A 159 -50.34 -7.31 33.22
CA SER A 159 -48.90 -7.09 33.24
C SER A 159 -48.46 -6.62 34.62
N HIS A 160 -47.26 -7.04 35.01
CA HIS A 160 -46.78 -6.79 36.37
C HIS A 160 -45.27 -6.93 36.38
N VAL A 161 -44.66 -6.36 37.42
CA VAL A 161 -43.23 -6.49 37.68
C VAL A 161 -43.05 -6.94 39.13
N THR A 162 -41.82 -7.31 39.47
CA THR A 162 -41.44 -7.64 40.83
C THR A 162 -40.44 -6.61 41.32
N ARG A 163 -40.75 -5.97 42.44
CA ARG A 163 -39.90 -4.96 43.04
C ARG A 163 -39.35 -5.47 44.37
N MET A 164 -38.13 -5.04 44.71
CA MET A 164 -37.54 -5.38 45.99
C MET A 164 -37.87 -4.31 47.02
N LYS A 165 -37.97 -4.75 48.27
CA LYS A 165 -38.12 -3.82 49.37
C LYS A 165 -36.77 -3.27 49.79
N VAL A 166 -36.74 -2.00 50.16
CA VAL A 166 -35.49 -1.34 50.58
C VAL A 166 -35.73 -0.57 51.87
N PRO A 167 -34.71 -0.39 52.71
CA PRO A 167 -34.87 0.47 53.89
C PRO A 167 -35.07 1.92 53.49
N THR A 168 -35.81 2.65 54.33
CA THR A 168 -36.05 4.07 54.11
C THR A 168 -35.13 4.96 54.92
N GLU A 169 -34.65 4.48 56.07
CA GLU A 169 -33.75 5.22 56.93
C GLU A 169 -32.46 4.44 57.13
N GLY A 170 -31.44 5.12 57.62
CA GLY A 170 -30.18 4.48 57.90
C GLY A 170 -29.21 4.58 56.74
N VAL A 171 -28.09 3.88 56.91
CA VAL A 171 -26.98 3.94 55.97
C VAL A 171 -26.49 2.53 55.68
N CYS A 172 -26.02 2.33 54.46
CA CYS A 172 -25.39 1.07 54.05
C CYS A 172 -23.89 1.27 54.03
N VAL A 173 -23.15 0.33 54.63
CA VAL A 173 -21.70 0.34 54.62
C VAL A 173 -21.23 -0.57 53.50
N VAL A 174 -20.59 0.02 52.49
CA VAL A 174 -20.05 -0.72 51.35
C VAL A 174 -18.55 -0.91 51.60
N PRO A 175 -18.08 -2.12 51.92
CA PRO A 175 -16.66 -2.32 52.27
C PRO A 175 -15.75 -2.47 51.04
N ASP A 176 -15.38 -1.34 50.46
CA ASP A 176 -14.50 -1.36 49.30
C ASP A 176 -13.11 -1.84 49.70
N MET A 177 -12.49 -2.63 48.83
CA MET A 177 -11.17 -3.17 49.12
C MET A 177 -10.07 -2.11 49.10
N LEU A 178 -10.33 -0.96 48.48
CA LEU A 178 -9.33 0.10 48.37
C LEU A 178 -9.74 1.39 49.09
N ARG A 179 -11.03 1.74 49.08
CA ARG A 179 -11.47 2.95 49.75
C ARG A 179 -11.74 2.76 51.23
N GLY A 180 -11.97 1.52 51.66
CA GLY A 180 -12.45 1.27 53.00
C GLY A 180 -13.97 1.29 53.04
N ASP A 181 -14.54 1.63 54.19
CA ASP A 181 -15.99 1.69 54.30
C ASP A 181 -16.53 2.90 53.55
N VAL A 182 -17.53 2.67 52.70
CA VAL A 182 -18.22 3.73 51.97
C VAL A 182 -19.67 3.74 52.44
N GLU A 183 -20.06 4.84 53.10
CA GLU A 183 -21.41 4.97 53.64
C GLU A 183 -22.33 5.58 52.60
N ILE A 184 -23.48 4.93 52.38
CA ILE A 184 -24.46 5.37 51.39
C ILE A 184 -25.83 5.37 52.05
N PRO A 185 -26.52 6.52 52.16
CA PRO A 185 -27.83 6.52 52.80
C PRO A 185 -28.83 5.65 52.05
N TRP A 186 -29.60 4.87 52.82
CA TRP A 186 -30.62 4.01 52.22
C TRP A 186 -31.71 4.82 51.53
N ASP A 187 -32.01 6.03 52.03
CA ASP A 187 -33.07 6.83 51.42
C ASP A 187 -32.74 7.24 49.99
N ARG A 188 -31.50 7.05 49.55
CA ARG A 188 -31.15 7.27 48.15
C ARG A 188 -31.54 6.09 47.27
N MET A 189 -31.83 4.93 47.87
CA MET A 189 -32.30 3.77 47.14
C MET A 189 -33.82 3.84 46.98
N ASP A 190 -34.32 3.11 45.98
CA ASP A 190 -35.75 2.95 45.75
C ASP A 190 -36.08 1.47 45.68
N MET A 191 -37.37 1.16 45.57
CA MET A 191 -37.84 -0.22 45.47
C MET A 191 -37.58 -0.72 44.05
N GLN A 192 -36.34 -1.12 43.83
CA GLN A 192 -35.86 -1.47 42.50
C GLN A 192 -36.63 -2.63 41.89
N VAL A 193 -36.91 -2.53 40.59
CA VAL A 193 -37.53 -3.63 39.86
C VAL A 193 -36.52 -4.76 39.68
N LEU A 194 -36.94 -5.98 39.96
CA LEU A 194 -36.12 -7.18 39.80
C LEU A 194 -36.48 -7.98 38.56
N MET A 195 -37.77 -8.15 38.29
CA MET A 195 -38.27 -8.86 37.12
C MET A 195 -39.15 -7.91 36.32
N LYS A 196 -38.77 -7.67 35.07
CA LYS A 196 -39.54 -6.78 34.21
C LYS A 196 -40.81 -7.48 33.72
N ALA A 197 -41.71 -6.69 33.13
CA ALA A 197 -43.00 -7.21 32.69
C ALA A 197 -42.86 -8.26 31.60
N ASP A 198 -41.73 -8.29 30.89
CA ASP A 198 -41.51 -9.29 29.84
C ASP A 198 -40.87 -10.57 30.38
N GLY A 199 -40.86 -10.75 31.70
CA GLY A 199 -40.28 -11.94 32.29
C GLY A 199 -38.77 -11.96 32.32
N LEU A 200 -38.12 -10.88 31.92
CA LEU A 200 -36.67 -10.77 31.97
C LEU A 200 -36.24 -10.02 33.22
N PRO A 201 -35.08 -10.34 33.78
CA PRO A 201 -34.62 -9.65 34.98
C PRO A 201 -33.86 -8.38 34.67
N THR A 202 -33.61 -7.60 35.72
CA THR A 202 -32.66 -6.51 35.68
C THR A 202 -31.29 -7.01 36.15
N TYR A 203 -30.26 -6.22 35.87
CA TYR A 203 -28.91 -6.64 36.24
C TYR A 203 -28.78 -6.80 37.76
N PHE A 204 -29.52 -6.00 38.54
CA PHE A 204 -29.47 -6.14 40.00
C PHE A 204 -29.73 -7.59 40.41
N LEU A 205 -30.77 -8.19 39.84
CA LEU A 205 -31.10 -9.57 40.18
C LEU A 205 -30.20 -10.55 39.45
N ALA A 206 -29.99 -10.34 38.15
CA ALA A 206 -29.19 -11.28 37.37
C ALA A 206 -27.77 -11.37 37.89
N ASN A 207 -27.15 -10.22 38.18
CA ASN A 207 -25.76 -10.21 38.60
C ASN A 207 -25.58 -10.85 39.97
N VAL A 208 -26.51 -10.61 40.88
CA VAL A 208 -26.42 -11.24 42.20
C VAL A 208 -26.58 -12.75 42.07
N VAL A 209 -27.67 -13.19 41.41
CA VAL A 209 -27.91 -14.61 41.24
C VAL A 209 -26.74 -15.27 40.52
N ASP A 210 -26.26 -14.66 39.44
CA ASP A 210 -25.24 -15.30 38.62
C ASP A 210 -23.86 -15.24 39.27
N ASP A 211 -23.51 -14.13 39.90
CA ASP A 211 -22.25 -14.08 40.64
C ASP A 211 -22.23 -15.13 41.74
N HIS A 212 -23.39 -15.41 42.34
CA HIS A 212 -23.46 -16.41 43.40
C HIS A 212 -23.39 -17.82 42.82
N LEU A 213 -24.24 -18.13 41.84
CA LEU A 213 -24.28 -19.48 41.30
C LEU A 213 -22.97 -19.85 40.59
N MET A 214 -22.28 -18.88 40.00
CA MET A 214 -20.99 -19.11 39.37
C MET A 214 -19.83 -19.04 40.36
N GLY A 215 -20.12 -18.86 41.64
CA GLY A 215 -19.07 -18.86 42.66
C GLY A 215 -18.09 -17.72 42.55
N ILE A 216 -18.55 -16.54 42.13
CA ILE A 216 -17.66 -15.38 42.06
C ILE A 216 -17.33 -14.92 43.47
N THR A 217 -16.03 -14.74 43.73
CA THR A 217 -15.54 -14.37 45.06
C THR A 217 -15.08 -12.92 45.16
N HIS A 218 -14.71 -12.30 44.04
CA HIS A 218 -14.23 -10.92 44.03
C HIS A 218 -14.77 -10.23 42.80
N VAL A 219 -15.26 -9.01 42.96
CA VAL A 219 -15.95 -8.28 41.90
C VAL A 219 -15.30 -6.89 41.81
N LEU A 220 -14.37 -6.73 40.87
CA LEU A 220 -13.82 -5.43 40.53
C LEU A 220 -14.63 -4.86 39.38
N ARG A 221 -15.35 -3.77 39.62
CA ARG A 221 -16.09 -3.07 38.59
C ARG A 221 -15.85 -1.57 38.69
N GLY A 222 -16.20 -0.86 37.63
CA GLY A 222 -16.03 0.58 37.62
C GLY A 222 -16.90 1.25 38.67
N GLU A 223 -16.42 2.39 39.17
CA GLU A 223 -17.12 3.08 40.25
C GLU A 223 -18.47 3.62 39.83
N GLU A 224 -18.80 3.60 38.53
CA GLU A 224 -20.14 4.01 38.11
C GLU A 224 -21.22 3.14 38.72
N TRP A 225 -20.89 1.92 39.15
CA TRP A 225 -21.84 1.00 39.74
C TRP A 225 -21.89 1.10 41.26
N LEU A 226 -21.06 1.93 41.88
CA LEU A 226 -21.01 2.04 43.33
C LEU A 226 -22.29 2.64 43.90
N PRO A 227 -22.86 3.69 43.29
CA PRO A 227 -24.07 4.29 43.88
C PRO A 227 -25.19 3.29 44.12
N SER A 228 -25.30 2.26 43.30
CA SER A 228 -26.36 1.27 43.42
C SER A 228 -25.89 0.00 44.14
N ALA A 229 -24.66 -0.01 44.66
CA ALA A 229 -24.17 -1.18 45.35
C ALA A 229 -25.04 -1.60 46.53
N PRO A 230 -25.64 -0.70 47.31
CA PRO A 230 -26.44 -1.15 48.46
C PRO A 230 -27.54 -2.13 48.09
N LYS A 231 -28.21 -1.93 46.94
CA LYS A 231 -29.28 -2.84 46.56
C LYS A 231 -28.76 -4.25 46.33
N LEU A 232 -27.56 -4.38 45.76
CA LEU A 232 -26.96 -5.70 45.59
C LEU A 232 -26.60 -6.32 46.94
N ILE A 233 -25.98 -5.54 47.82
CA ILE A 233 -25.67 -6.03 49.16
C ILE A 233 -26.93 -6.50 49.87
N LYS A 234 -28.02 -5.74 49.72
CA LYS A 234 -29.27 -6.12 50.38
C LYS A 234 -29.84 -7.40 49.80
N LEU A 235 -29.72 -7.60 48.49
CA LEU A 235 -30.21 -8.83 47.89
C LEU A 235 -29.46 -10.04 48.42
N TYR A 236 -28.14 -9.92 48.60
CA TYR A 236 -27.39 -11.00 49.22
C TYR A 236 -27.93 -11.31 50.61
N GLU A 237 -28.29 -10.28 51.38
CA GLU A 237 -28.86 -10.51 52.70
C GLU A 237 -30.15 -11.31 52.60
N TYR A 238 -31.06 -10.90 51.70
CA TYR A 238 -32.34 -11.57 51.58
C TYR A 238 -32.16 -13.05 51.27
N PHE A 239 -31.22 -13.37 50.39
CA PHE A 239 -30.97 -14.77 50.03
C PHE A 239 -30.16 -15.52 51.09
N GLY A 240 -29.59 -14.82 52.06
CA GLY A 240 -28.67 -15.47 52.99
C GLY A 240 -27.42 -15.98 52.32
N TRP A 241 -26.92 -15.26 51.32
CA TRP A 241 -25.72 -15.64 50.59
C TRP A 241 -24.53 -14.84 51.08
N GLU A 242 -23.35 -15.45 51.02
CA GLU A 242 -22.12 -14.76 51.38
C GLU A 242 -21.79 -13.73 50.30
N GLN A 243 -21.53 -12.51 50.74
CA GLN A 243 -21.24 -11.45 49.78
CA GLN A 243 -21.23 -11.43 49.80
C GLN A 243 -19.79 -11.55 49.29
N PRO A 244 -19.54 -11.32 48.01
CA PRO A 244 -18.17 -11.31 47.52
C PRO A 244 -17.46 -10.02 47.92
N GLN A 245 -16.13 -10.07 47.85
CA GLN A 245 -15.35 -8.86 48.09
C GLN A 245 -15.52 -7.88 46.94
N LEU A 246 -15.66 -6.60 47.29
CA LEU A 246 -16.05 -5.56 46.34
C LEU A 246 -14.94 -4.53 46.22
N CYS A 247 -14.61 -4.16 44.99
CA CYS A 247 -13.68 -3.06 44.72
C CYS A 247 -14.22 -2.27 43.53
N TYR A 248 -14.40 -0.97 43.71
CA TYR A 248 -14.99 -0.11 42.69
C TYR A 248 -13.91 0.80 42.13
N MET A 249 -13.55 0.56 40.86
CA MET A 249 -12.36 1.15 40.27
C MET A 249 -12.66 2.55 39.74
N PRO A 250 -11.77 3.54 39.98
CA PRO A 250 -11.99 4.89 39.43
C PRO A 250 -12.20 4.90 37.93
N LEU A 251 -12.82 5.95 37.42
CA LEU A 251 -13.18 6.05 36.02
C LEU A 251 -11.98 6.44 35.16
N LEU A 252 -12.03 6.02 33.88
CA LEU A 252 -11.08 6.53 32.91
C LEU A 252 -11.40 7.98 32.57
N ARG A 253 -10.35 8.79 32.46
CA ARG A 253 -10.49 10.24 32.31
C ARG A 253 -9.75 10.70 31.06
N ASN A 254 -10.36 11.64 30.34
CA ASN A 254 -9.64 12.36 29.31
C ASN A 254 -8.64 13.30 29.96
N PRO A 255 -7.57 13.67 29.25
CA PRO A 255 -6.54 14.52 29.87
C PRO A 255 -7.08 15.83 30.42
N ASP A 256 -8.27 16.27 30.02
CA ASP A 256 -8.84 17.52 30.50
C ASP A 256 -9.72 17.33 31.74
N LYS A 257 -9.57 16.22 32.45
CA LYS A 257 -10.30 15.85 33.65
C LYS A 257 -11.71 15.35 33.34
N SER A 258 -12.16 15.43 32.09
CA SER A 258 -13.50 14.98 31.73
C SER A 258 -13.54 13.45 31.65
N LYS A 259 -14.76 12.93 31.51
CA LYS A 259 -14.95 11.49 31.38
C LYS A 259 -14.68 11.05 29.95
N LEU A 260 -14.19 9.81 29.81
CA LEU A 260 -13.88 9.27 28.50
C LEU A 260 -15.17 9.13 27.68
N SER A 261 -15.20 9.79 26.52
CA SER A 261 -16.38 9.80 25.67
C SER A 261 -15.97 9.63 24.22
N LYS A 262 -16.89 9.08 23.41
CA LYS A 262 -16.62 8.84 22.00
C LYS A 262 -16.27 10.12 21.26
N ARG A 263 -16.64 11.29 21.79
CA ARG A 263 -16.37 12.55 21.09
C ARG A 263 -14.90 12.91 21.17
N LYS A 264 -14.37 13.05 22.38
CA LYS A 264 -12.96 13.39 22.57
C LYS A 264 -12.08 12.29 21.99
N ASN A 265 -11.95 11.19 22.72
CA ASN A 265 -11.18 10.04 22.27
C ASN A 265 -12.11 8.89 21.94
N PRO A 266 -11.97 8.25 20.78
CA PRO A 266 -12.76 7.05 20.51
C PRO A 266 -12.61 6.03 21.63
N THR A 267 -13.72 5.36 21.94
CA THR A 267 -13.74 4.35 22.99
C THR A 267 -13.79 2.93 22.44
N SER A 268 -13.96 2.75 21.14
CA SER A 268 -14.05 1.42 20.55
C SER A 268 -12.66 0.79 20.47
N ILE A 269 -12.55 -0.44 20.96
CA ILE A 269 -11.30 -1.19 20.82
C ILE A 269 -10.96 -1.38 19.35
N THR A 270 -11.96 -1.73 18.55
CA THR A 270 -11.73 -1.98 17.13
C THR A 270 -11.17 -0.75 16.41
N PHE A 271 -11.47 0.45 16.90
CA PHE A 271 -10.90 1.64 16.28
C PHE A 271 -9.38 1.60 16.32
N TYR A 272 -8.81 1.24 17.48
CA TYR A 272 -7.36 1.25 17.61
C TYR A 272 -6.72 0.10 16.84
N GLU A 273 -7.40 -1.05 16.76
CA GLU A 273 -6.94 -2.12 15.88
C GLU A 273 -6.86 -1.63 14.44
N ARG A 274 -7.94 -1.01 13.94
CA ARG A 274 -7.96 -0.58 12.55
C ARG A 274 -7.01 0.59 12.30
N MET A 275 -6.76 1.41 13.32
CA MET A 275 -5.79 2.51 13.17
C MET A 275 -4.35 2.02 13.14
N GLY A 276 -4.11 0.74 13.42
CA GLY A 276 -2.78 0.20 13.37
C GLY A 276 -2.04 0.21 14.68
N TYR A 277 -2.75 0.08 15.80
CA TYR A 277 -2.12 -0.09 17.09
C TYR A 277 -1.93 -1.56 17.41
N LEU A 278 -0.86 -1.87 18.10
CA LEU A 278 -0.61 -3.25 18.46
C LEU A 278 -1.44 -3.62 19.68
N PRO A 279 -2.03 -4.82 19.73
CA PRO A 279 -2.78 -5.21 20.92
C PRO A 279 -1.91 -5.25 22.18
N GLN A 280 -0.66 -5.66 22.06
CA GLN A 280 0.22 -5.68 23.22
C GLN A 280 0.41 -4.29 23.80
N ALA A 281 0.43 -3.27 22.94
CA ALA A 281 0.66 -1.91 23.41
C ALA A 281 -0.60 -1.31 24.03
N LEU A 282 -1.76 -1.57 23.44
CA LEU A 282 -3.00 -1.07 24.02
C LEU A 282 -3.29 -1.75 25.35
N LEU A 283 -3.13 -3.07 25.41
CA LEU A 283 -3.29 -3.77 26.68
C LEU A 283 -2.29 -3.28 27.70
N ASN A 284 -1.01 -3.17 27.28
CA ASN A 284 0.02 -2.65 28.16
C ASN A 284 -0.34 -1.26 28.68
N TYR A 285 -0.95 -0.43 27.83
CA TYR A 285 -1.29 0.93 28.24
C TYR A 285 -2.44 0.92 29.25
N LEU A 286 -3.43 0.06 29.05
CA LEU A 286 -4.52 -0.04 30.01
C LEU A 286 -4.00 -0.42 31.39
N GLY A 287 -2.97 -1.27 31.43
CA GLY A 287 -2.41 -1.67 32.72
C GLY A 287 -1.61 -0.55 33.37
N ARG A 288 -0.90 0.25 32.56
CA ARG A 288 -0.11 1.34 33.12
C ARG A 288 -1.00 2.44 33.68
N MET A 289 -2.16 2.67 33.06
CA MET A 289 -3.15 3.55 33.66
C MET A 289 -3.64 3.01 35.01
N GLY A 290 -3.68 1.69 35.14
CA GLY A 290 -4.17 1.06 36.35
C GLY A 290 -3.20 1.12 37.52
N TRP A 291 -2.19 0.26 37.50
CA TRP A 291 -1.23 0.15 38.59
C TRP A 291 0.16 0.50 38.09
N SER A 292 1.18 0.22 38.90
CA SER A 292 2.56 0.53 38.57
C SER A 292 3.32 -0.74 38.20
N GLU A 298 6.60 2.63 31.76
CA GLU A 298 7.08 1.25 31.81
C GLU A 298 6.33 0.38 30.80
N LYS A 299 7.08 -0.50 30.14
CA LYS A 299 6.57 -1.35 29.06
C LYS A 299 6.65 -2.80 29.49
N PHE A 300 5.53 -3.52 29.39
CA PHE A 300 5.45 -4.88 29.89
C PHE A 300 4.43 -5.68 29.09
N THR A 301 4.59 -7.00 29.14
CA THR A 301 3.63 -7.93 28.54
C THR A 301 2.54 -8.30 29.54
N LEU A 302 1.55 -9.05 29.07
CA LEU A 302 0.49 -9.52 29.96
C LEU A 302 1.06 -10.37 31.08
N ALA A 303 1.90 -11.35 30.73
CA ALA A 303 2.50 -12.21 31.74
C ALA A 303 3.26 -11.38 32.78
N GLU A 304 4.09 -10.44 32.31
CA GLU A 304 4.84 -9.60 33.24
C GLU A 304 3.92 -8.68 34.03
N MET A 305 2.83 -8.21 33.41
CA MET A 305 1.87 -7.39 34.15
C MET A 305 1.18 -8.20 35.24
N ILE A 306 0.97 -9.49 35.01
CA ILE A 306 0.29 -10.32 36.00
C ILE A 306 1.21 -10.59 37.19
N GLU A 307 2.48 -10.91 36.94
CA GLU A 307 3.39 -11.22 38.03
C GLU A 307 3.65 -10.01 38.91
N HIS A 308 3.61 -8.80 38.33
CA HIS A 308 3.81 -7.56 39.08
C HIS A 308 2.50 -6.91 39.52
N PHE A 309 1.36 -7.58 39.30
CA PHE A 309 0.09 -6.99 39.64
C PHE A 309 -0.18 -7.07 41.13
N ASP A 310 -0.77 -6.01 41.67
CA ASP A 310 -1.31 -6.02 43.03
C ASP A 310 -2.29 -4.86 43.12
N LEU A 311 -3.48 -5.14 43.67
CA LEU A 311 -4.53 -4.12 43.69
C LEU A 311 -4.10 -2.89 44.47
N SER A 312 -3.21 -3.05 45.45
CA SER A 312 -2.77 -1.92 46.24
C SER A 312 -2.00 -0.91 45.40
N ARG A 313 -1.31 -1.37 44.36
CA ARG A 313 -0.56 -0.48 43.48
C ARG A 313 -1.46 0.35 42.57
N VAL A 314 -2.76 0.28 42.76
CA VAL A 314 -3.71 1.05 41.95
C VAL A 314 -3.77 2.46 42.51
N SER A 315 -3.43 3.44 41.67
CA SER A 315 -3.55 4.84 42.06
C SER A 315 -5.01 5.17 42.32
N LEU A 316 -5.30 5.72 43.50
CA LEU A 316 -6.67 6.06 43.87
C LEU A 316 -7.26 7.16 43.00
N GLY A 317 -6.45 7.78 42.14
CA GLY A 317 -6.96 8.81 41.24
C GLY A 317 -7.36 8.24 39.89
N GLY A 318 -8.28 8.95 39.23
CA GLY A 318 -8.81 8.52 37.96
C GLY A 318 -7.74 8.36 36.90
N PRO A 319 -7.54 7.13 36.41
CA PRO A 319 -6.58 6.94 35.31
C PRO A 319 -6.93 7.80 34.11
N ILE A 320 -5.90 8.20 33.38
CA ILE A 320 -6.04 9.15 32.27
C ILE A 320 -5.73 8.41 30.98
N PHE A 321 -6.68 8.45 30.04
CA PHE A 321 -6.47 7.91 28.70
C PHE A 321 -5.96 9.02 27.81
N ASP A 322 -4.66 8.96 27.48
CA ASP A 322 -3.98 10.01 26.73
C ASP A 322 -3.47 9.39 25.43
N LEU A 323 -4.07 9.79 24.31
CA LEU A 323 -3.69 9.22 23.02
C LEU A 323 -2.23 9.49 22.71
N GLU A 324 -1.69 10.62 23.18
CA GLU A 324 -0.29 10.93 22.93
C GLU A 324 0.62 9.88 23.54
N LYS A 325 0.38 9.51 24.81
CA LYS A 325 1.22 8.52 25.46
C LYS A 325 0.98 7.13 24.87
N LEU A 326 -0.26 6.83 24.47
CA LEU A 326 -0.53 5.54 23.85
C LEU A 326 0.21 5.40 22.52
N SER A 327 0.29 6.48 21.75
CA SER A 327 0.99 6.42 20.46
C SER A 327 2.49 6.24 20.65
N TRP A 328 3.08 6.98 21.60
CA TRP A 328 4.50 6.80 21.88
C TRP A 328 4.80 5.37 22.30
N LEU A 329 3.97 4.82 23.19
CA LEU A 329 4.18 3.45 23.65
C LEU A 329 4.06 2.47 22.48
N ASN A 330 3.04 2.64 21.65
CA ASN A 330 2.86 1.75 20.51
C ASN A 330 4.06 1.79 19.59
N GLY A 331 4.67 2.96 19.43
CA GLY A 331 5.88 3.06 18.64
C GLY A 331 7.04 2.31 19.28
N GLN A 332 7.14 2.35 20.61
CA GLN A 332 8.18 1.59 21.29
C GLN A 332 8.03 0.10 21.02
N TRP A 333 6.81 -0.42 21.10
CA TRP A 333 6.57 -1.81 20.78
C TRP A 333 6.95 -2.12 19.34
N ILE A 334 6.54 -1.25 18.40
CA ILE A 334 6.87 -1.46 17.00
C ILE A 334 8.38 -1.50 16.81
N ARG A 335 9.11 -0.58 17.46
CA ARG A 335 10.54 -0.47 17.27
C ARG A 335 11.28 -1.63 17.93
N GLU A 336 10.80 -2.09 19.08
CA GLU A 336 11.55 -3.04 19.91
C GLU A 336 11.15 -4.48 19.60
N GLN A 337 11.35 -4.86 18.33
CA GLN A 337 11.02 -6.19 17.86
C GLN A 337 11.64 -6.37 16.48
N SER A 338 11.80 -7.63 16.08
CA SER A 338 12.42 -7.94 14.80
C SER A 338 11.56 -7.42 13.65
N VAL A 339 12.20 -7.22 12.50
CA VAL A 339 11.47 -6.77 11.32
C VAL A 339 10.48 -7.85 10.85
N GLU A 340 10.81 -9.12 11.09
CA GLU A 340 9.87 -10.19 10.77
C GLU A 340 8.59 -10.06 11.59
N GLU A 341 8.72 -9.92 12.92
CA GLU A 341 7.53 -9.72 13.75
C GLU A 341 6.74 -8.51 13.27
N PHE A 342 7.44 -7.39 13.04
CA PHE A 342 6.78 -6.21 12.51
C PHE A 342 6.01 -6.54 11.23
N ALA A 343 6.66 -7.26 10.32
CA ALA A 343 6.03 -7.60 9.04
C ALA A 343 4.75 -8.40 9.25
N ARG A 344 4.82 -9.46 10.07
CA ARG A 344 3.64 -10.28 10.30
C ARG A 344 2.51 -9.48 10.92
N GLU A 345 2.82 -8.51 11.76
CA GLU A 345 1.76 -7.68 12.36
C GLU A 345 1.14 -6.76 11.32
N VAL A 346 1.93 -6.26 10.38
CA VAL A 346 1.39 -5.41 9.33
C VAL A 346 0.50 -6.23 8.39
N GLN A 347 0.87 -7.47 8.11
CA GLN A 347 0.05 -8.32 7.27
C GLN A 347 -1.31 -8.58 7.92
N LYS A 348 -1.31 -9.01 9.19
CA LYS A 348 -2.56 -9.22 9.90
C LYS A 348 -3.40 -7.96 9.90
N TRP A 349 -2.76 -6.79 10.01
CA TRP A 349 -3.49 -5.54 10.13
C TRP A 349 -4.21 -5.17 8.84
N ALA A 350 -3.51 -5.20 7.71
CA ALA A 350 -4.14 -4.75 6.46
C ALA A 350 -3.51 -5.31 5.19
N LEU A 351 -2.25 -5.72 5.23
CA LEU A 351 -1.56 -6.21 4.03
C LEU A 351 -1.74 -7.73 3.91
N ASN A 352 -2.99 -8.12 3.67
CA ASN A 352 -3.35 -9.52 3.55
C ASN A 352 -4.26 -9.72 2.35
N PRO A 353 -4.29 -10.92 1.78
CA PRO A 353 -5.12 -11.12 0.57
C PRO A 353 -6.58 -10.79 0.77
N GLU A 354 -7.12 -11.05 1.96
CA GLU A 354 -8.53 -10.78 2.22
C GLU A 354 -8.84 -9.30 2.01
N TYR A 355 -8.08 -8.42 2.65
CA TYR A 355 -8.32 -6.98 2.52
C TYR A 355 -7.98 -6.50 1.11
N LEU A 356 -6.82 -6.91 0.59
CA LEU A 356 -6.36 -6.39 -0.69
C LEU A 356 -7.25 -6.85 -1.85
N MET A 357 -7.79 -8.06 -1.79
CA MET A 357 -8.65 -8.52 -2.88
C MET A 357 -10.02 -7.86 -2.85
N LYS A 358 -10.46 -7.32 -1.71
CA LYS A 358 -11.67 -6.51 -1.70
C LYS A 358 -11.44 -5.17 -2.38
N ILE A 359 -10.22 -4.65 -2.30
CA ILE A 359 -9.90 -3.37 -2.94
C ILE A 359 -9.65 -3.55 -4.43
N ALA A 360 -9.08 -4.69 -4.84
CA ALA A 360 -8.64 -4.93 -6.21
C ALA A 360 -9.70 -4.57 -7.24
N PRO A 361 -10.90 -5.15 -7.19
CA PRO A 361 -11.87 -4.88 -8.26
C PRO A 361 -12.27 -3.42 -8.38
N HIS A 362 -12.00 -2.60 -7.37
CA HIS A 362 -12.40 -1.20 -7.41
C HIS A 362 -11.32 -0.28 -7.96
N VAL A 363 -10.08 -0.75 -8.07
CA VAL A 363 -9.02 0.04 -8.67
C VAL A 363 -8.74 -0.44 -10.09
N GLN A 364 -9.04 -1.72 -10.36
CA GLN A 364 -8.72 -2.29 -11.66
C GLN A 364 -9.29 -1.47 -12.81
N GLY A 365 -10.44 -0.86 -12.61
CA GLY A 365 -11.09 -0.09 -13.66
C GLY A 365 -10.76 1.39 -13.69
N ARG A 366 -9.84 1.85 -12.86
CA ARG A 366 -9.57 3.28 -12.73
C ARG A 366 -8.08 3.60 -12.82
N VAL A 367 -7.27 2.68 -13.33
CA VAL A 367 -5.84 2.88 -13.47
C VAL A 367 -5.42 2.53 -14.89
N GLU A 368 -4.47 3.29 -15.43
CA GLU A 368 -3.85 2.96 -16.70
C GLU A 368 -2.46 2.33 -16.53
N ASN A 369 -1.91 2.36 -15.31
CA ASN A 369 -0.74 1.57 -14.97
C ASN A 369 -0.72 1.40 -13.45
N PHE A 370 0.07 0.43 -12.99
CA PHE A 370 0.00 0.05 -11.57
C PHE A 370 0.50 1.16 -10.66
N SER A 371 1.32 2.09 -11.16
CA SER A 371 1.81 3.18 -10.31
C SER A 371 0.73 4.15 -9.90
N GLN A 372 -0.45 4.09 -10.52
CA GLN A 372 -1.57 4.94 -10.15
C GLN A 372 -2.46 4.34 -9.06
N ILE A 373 -2.17 3.12 -8.63
CA ILE A 373 -3.01 2.46 -7.63
C ILE A 373 -2.82 3.12 -6.26
N ALA A 374 -1.57 3.38 -5.87
CA ALA A 374 -1.31 3.87 -4.53
C ALA A 374 -1.98 5.22 -4.26
N PRO A 375 -1.87 6.22 -5.13
CA PRO A 375 -2.62 7.47 -4.89
C PRO A 375 -4.11 7.26 -4.84
N LEU A 376 -4.63 6.28 -5.58
CA LEU A 376 -6.07 6.04 -5.62
C LEU A 376 -6.54 5.29 -4.38
N ALA A 377 -5.82 4.26 -3.98
CA ALA A 377 -6.22 3.37 -2.90
C ALA A 377 -5.52 3.69 -1.58
N GLY A 378 -4.72 4.75 -1.52
CA GLY A 378 -3.99 5.06 -0.30
C GLY A 378 -4.90 5.21 0.91
N PHE A 379 -6.10 5.76 0.70
CA PHE A 379 -6.98 6.03 1.82
C PHE A 379 -7.44 4.77 2.52
N PHE A 380 -7.30 3.59 1.89
CA PHE A 380 -7.63 2.35 2.58
C PHE A 380 -6.63 1.99 3.68
N PHE A 381 -5.53 2.72 3.80
CA PHE A 381 -4.50 2.40 4.78
C PHE A 381 -4.10 3.57 5.67
N SER A 382 -4.72 4.75 5.52
CA SER A 382 -4.24 5.95 6.18
C SER A 382 -4.91 6.25 7.52
N GLY A 383 -5.97 5.55 7.90
CA GLY A 383 -6.65 5.87 9.14
C GLY A 383 -7.60 7.03 8.97
N GLY A 384 -7.10 8.26 9.15
CA GLY A 384 -7.78 9.45 8.69
C GLY A 384 -7.40 9.76 7.25
N VAL A 385 -7.87 10.90 6.77
CA VAL A 385 -7.48 11.39 5.45
C VAL A 385 -7.09 12.85 5.57
N PRO A 386 -6.36 13.37 4.57
CA PRO A 386 -6.03 14.80 4.58
C PRO A 386 -7.29 15.64 4.43
N LEU A 387 -7.46 16.61 5.32
CA LEU A 387 -8.68 17.41 5.40
C LEU A 387 -8.52 18.66 4.56
N ASP A 388 -9.39 18.82 3.56
CA ASP A 388 -9.40 19.98 2.68
C ASP A 388 -10.81 20.57 2.71
N ALA A 389 -10.99 21.65 3.47
CA ALA A 389 -12.33 22.21 3.65
C ALA A 389 -12.98 22.58 2.33
N SER A 390 -12.20 23.02 1.34
CA SER A 390 -12.78 23.42 0.07
C SER A 390 -13.47 22.26 -0.65
N LEU A 391 -13.10 21.02 -0.35
CA LEU A 391 -13.69 19.87 -1.01
C LEU A 391 -15.15 19.65 -0.64
N PHE A 392 -15.72 20.44 0.26
CA PHE A 392 -17.11 20.26 0.69
C PHE A 392 -18.02 21.41 0.23
N GLU A 393 -17.51 22.32 -0.58
CA GLU A 393 -18.33 23.36 -1.17
C GLU A 393 -19.36 22.74 -2.12
N HIS A 394 -20.62 22.76 -1.72
CA HIS A 394 -21.70 22.12 -2.47
C HIS A 394 -22.45 23.16 -3.29
N LYS A 395 -22.96 22.72 -4.45
CA LYS A 395 -23.71 23.61 -5.32
C LYS A 395 -25.10 23.88 -4.75
N LYS A 396 -25.81 22.82 -4.37
CA LYS A 396 -27.18 22.92 -3.89
C LYS A 396 -27.28 23.17 -2.39
N LEU A 397 -26.26 22.83 -1.62
CA LEU A 397 -26.30 22.89 -0.17
C LEU A 397 -25.35 23.97 0.35
N ASP A 398 -25.87 24.88 1.15
CA ASP A 398 -25.04 25.90 1.78
C ASP A 398 -24.25 25.26 2.92
N PRO A 399 -23.24 25.95 3.46
CA PRO A 399 -22.40 25.32 4.49
C PRO A 399 -23.18 24.76 5.67
N THR A 400 -24.22 25.45 6.13
CA THR A 400 -24.97 24.96 7.28
C THR A 400 -25.73 23.68 6.95
N GLN A 401 -26.38 23.64 5.78
CA GLN A 401 -27.06 22.43 5.36
C GLN A 401 -26.08 21.27 5.20
N VAL A 402 -24.84 21.55 4.82
CA VAL A 402 -23.86 20.48 4.65
C VAL A 402 -23.51 19.88 6.00
N ARG A 403 -23.36 20.71 7.04
CA ARG A 403 -23.06 20.19 8.36
C ARG A 403 -24.24 19.40 8.93
N GLN A 404 -25.46 19.84 8.64
CA GLN A 404 -26.64 19.08 9.07
C GLN A 404 -26.63 17.68 8.47
N VAL A 405 -26.34 17.57 7.18
CA VAL A 405 -26.34 16.28 6.51
C VAL A 405 -25.28 15.37 7.12
N LEU A 406 -24.07 15.87 7.30
CA LEU A 406 -23.00 15.06 7.86
C LEU A 406 -23.34 14.60 9.28
N GLN A 407 -23.90 15.49 10.10
CA GLN A 407 -24.23 15.10 11.48
C GLN A 407 -25.31 14.03 11.50
N LEU A 408 -26.36 14.21 10.69
CA LEU A 408 -27.44 13.22 10.67
C LEU A 408 -26.94 11.87 10.14
N VAL A 409 -26.12 11.90 9.10
CA VAL A 409 -25.56 10.65 8.57
C VAL A 409 -24.67 9.99 9.62
N LEU A 410 -23.80 10.77 10.26
CA LEU A 410 -22.90 10.21 11.27
C LEU A 410 -23.70 9.53 12.38
N TRP A 411 -24.75 10.21 12.87
CA TRP A 411 -25.55 9.65 13.95
C TRP A 411 -26.18 8.31 13.53
N LYS A 412 -26.78 8.26 12.34
CA LYS A 412 -27.42 7.02 11.91
C LYS A 412 -26.40 5.91 11.70
N LEU A 413 -25.21 6.25 11.22
CA LEU A 413 -24.19 5.23 11.03
C LEU A 413 -23.57 4.79 12.35
N GLU A 414 -23.55 5.68 13.35
CA GLU A 414 -23.10 5.26 14.68
C GLU A 414 -24.04 4.23 15.28
N SER A 415 -25.34 4.33 14.99
CA SER A 415 -26.31 3.38 15.51
C SER A 415 -26.40 2.10 14.69
N LEU A 416 -25.81 2.08 13.49
CA LEU A 416 -25.92 0.91 12.62
C LEU A 416 -25.11 -0.25 13.20
N ARG A 417 -25.79 -1.37 13.46
CA ARG A 417 -25.16 -2.53 14.08
C ARG A 417 -24.50 -3.45 13.05
N GLN A 418 -25.10 -3.60 11.86
CA GLN A 418 -24.57 -4.46 10.81
C GLN A 418 -23.92 -3.57 9.76
N TRP A 419 -22.59 -3.58 9.71
CA TRP A 419 -21.85 -2.70 8.82
C TRP A 419 -21.73 -3.37 7.45
N GLU A 420 -22.71 -3.09 6.59
CA GLU A 420 -22.82 -3.70 5.28
C GLU A 420 -23.29 -2.65 4.29
N LYS A 421 -22.83 -2.77 3.04
CA LYS A 421 -23.03 -1.70 2.07
C LYS A 421 -24.50 -1.29 1.96
N GLU A 422 -25.39 -2.27 1.81
CA GLU A 422 -26.79 -1.94 1.60
C GLU A 422 -27.39 -1.25 2.82
N ARG A 423 -27.05 -1.72 4.02
N ARG A 423 -27.05 -1.72 4.01
CA ARG A 423 -27.51 -1.04 5.22
CA ARG A 423 -27.51 -1.05 5.23
C ARG A 423 -26.90 0.34 5.34
C ARG A 423 -26.87 0.33 5.38
N ILE A 424 -25.62 0.48 4.94
CA ILE A 424 -24.99 1.80 4.93
C ILE A 424 -25.72 2.72 3.97
N THR A 425 -26.01 2.22 2.77
CA THR A 425 -26.74 3.02 1.78
C THR A 425 -28.12 3.37 2.29
N GLY A 426 -28.77 2.44 2.99
CA GLY A 426 -30.10 2.70 3.52
C GLY A 426 -30.13 3.84 4.52
N CYS A 427 -29.11 3.91 5.37
CA CYS A 427 -29.03 4.99 6.34
C CYS A 427 -28.89 6.34 5.64
N ILE A 428 -27.97 6.42 4.69
CA ILE A 428 -27.72 7.69 3.99
C ILE A 428 -28.95 8.08 3.19
N GLN A 429 -29.52 7.14 2.43
CA GLN A 429 -30.69 7.44 1.63
C GLN A 429 -31.87 7.87 2.51
N ALA A 430 -31.98 7.31 3.71
CA ALA A 430 -33.06 7.70 4.61
C ALA A 430 -32.88 9.13 5.11
N VAL A 431 -31.63 9.52 5.38
CA VAL A 431 -31.37 10.90 5.82
C VAL A 431 -31.71 11.88 4.70
N ALA A 432 -31.41 11.50 3.46
CA ALA A 432 -31.68 12.39 2.33
C ALA A 432 -33.18 12.49 2.04
N GLU A 433 -33.84 11.35 1.91
CA GLU A 433 -35.27 11.35 1.62
C GLU A 433 -36.05 12.11 2.69
N HIS A 434 -35.65 11.96 3.96
CA HIS A 434 -36.32 12.69 5.03
C HIS A 434 -36.15 14.19 4.86
N LEU A 435 -34.95 14.64 4.50
CA LEU A 435 -34.68 16.05 4.26
C LEU A 435 -35.20 16.53 2.91
N GLN A 436 -36.00 15.72 2.22
CA GLN A 436 -36.51 16.07 0.90
C GLN A 436 -35.38 16.26 -0.11
N LEU A 437 -34.27 15.56 0.12
CA LEU A 437 -33.11 15.57 -0.77
C LEU A 437 -33.01 14.24 -1.50
N LYS A 438 -32.36 14.27 -2.64
CA LYS A 438 -32.06 13.07 -3.40
C LYS A 438 -30.72 12.51 -2.96
N LEU A 439 -30.63 11.18 -2.91
CA LEU A 439 -29.36 10.55 -2.56
C LEU A 439 -28.22 11.07 -3.42
N ARG A 440 -28.52 11.43 -4.67
CA ARG A 440 -27.51 12.01 -5.55
C ARG A 440 -26.96 13.32 -5.00
N ASP A 441 -27.69 13.98 -4.10
CA ASP A 441 -27.26 15.26 -3.54
C ASP A 441 -26.34 15.10 -2.33
N VAL A 442 -26.29 13.92 -1.74
CA VAL A 442 -25.53 13.69 -0.52
C VAL A 442 -24.22 12.97 -0.79
N MET A 443 -24.21 12.05 -1.76
CA MET A 443 -23.00 11.29 -2.03
C MET A 443 -21.79 12.16 -2.35
N PRO A 444 -21.92 13.31 -3.02
CA PRO A 444 -20.73 14.15 -3.24
C PRO A 444 -20.02 14.56 -1.97
N LEU A 445 -20.70 14.57 -0.82
CA LEU A 445 -20.02 14.88 0.42
C LEU A 445 -19.29 13.68 1.00
N MET A 446 -19.77 12.47 0.75
CA MET A 446 -19.14 11.28 1.32
C MET A 446 -17.77 11.02 0.72
N PHE A 447 -17.58 11.33 -0.57
CA PHE A 447 -16.29 11.06 -1.21
C PHE A 447 -15.14 11.77 -0.50
N PRO A 448 -15.14 13.09 -0.36
CA PRO A 448 -14.01 13.73 0.34
C PRO A 448 -13.91 13.34 1.80
N ALA A 449 -15.03 13.03 2.46
CA ALA A 449 -14.96 12.63 3.86
C ALA A 449 -14.28 11.28 4.02
N ILE A 450 -14.62 10.32 3.16
CA ILE A 450 -14.11 8.97 3.33
C ILE A 450 -12.76 8.76 2.65
N THR A 451 -12.51 9.44 1.52
CA THR A 451 -11.31 9.19 0.73
C THR A 451 -10.35 10.37 0.68
N GLY A 452 -10.80 11.58 1.00
CA GLY A 452 -9.97 12.76 0.88
C GLY A 452 -9.94 13.37 -0.50
N HIS A 453 -10.59 12.76 -1.48
CA HIS A 453 -10.63 13.27 -2.85
C HIS A 453 -12.08 13.47 -3.28
N ALA A 454 -12.28 14.40 -4.22
CA ALA A 454 -13.62 14.68 -4.71
C ALA A 454 -14.21 13.51 -5.48
N SER A 455 -13.36 12.69 -6.09
CA SER A 455 -13.80 11.51 -6.81
C SER A 455 -12.81 10.39 -6.52
N SER A 456 -13.33 9.17 -6.46
CA SER A 456 -12.52 8.02 -6.09
C SER A 456 -13.25 6.76 -6.53
N VAL A 457 -12.84 5.61 -5.99
CA VAL A 457 -13.54 4.36 -6.18
C VAL A 457 -14.96 4.51 -5.62
N SER A 458 -15.78 3.46 -5.77
CA SER A 458 -17.11 3.49 -5.20
C SER A 458 -17.05 3.73 -3.70
N VAL A 459 -17.63 4.84 -3.25
CA VAL A 459 -17.48 5.24 -1.86
C VAL A 459 -18.30 4.34 -0.94
N LEU A 460 -19.47 3.89 -1.39
CA LEU A 460 -20.26 2.98 -0.57
C LEU A 460 -19.53 1.66 -0.36
N ASP A 461 -18.93 1.12 -1.43
CA ASP A 461 -18.09 -0.06 -1.28
C ASP A 461 -16.90 0.23 -0.37
N ALA A 462 -16.30 1.43 -0.52
CA ALA A 462 -15.13 1.77 0.28
C ALA A 462 -15.47 1.78 1.77
N MET A 463 -16.64 2.32 2.12
CA MET A 463 -17.02 2.37 3.53
C MET A 463 -17.18 0.97 4.13
N GLU A 464 -17.80 0.06 3.38
CA GLU A 464 -17.91 -1.32 3.87
C GLU A 464 -16.54 -1.95 4.07
N ILE A 465 -15.62 -1.72 3.12
CA ILE A 465 -14.28 -2.28 3.26
C ILE A 465 -13.53 -1.62 4.41
N LEU A 466 -13.63 -0.30 4.52
CA LEU A 466 -12.94 0.41 5.59
C LEU A 466 -13.41 -0.05 6.97
N GLY A 467 -14.68 -0.41 7.10
CA GLY A 467 -15.24 -0.76 8.38
C GLY A 467 -15.89 0.42 9.08
N ALA A 468 -16.68 0.10 10.10
CA ALA A 468 -17.48 1.12 10.77
C ALA A 468 -16.62 2.15 11.50
N ASP A 469 -15.55 1.69 12.16
CA ASP A 469 -14.79 2.58 13.02
C ASP A 469 -14.09 3.68 12.21
N LEU A 470 -13.37 3.31 11.16
CA LEU A 470 -12.65 4.32 10.39
C LEU A 470 -13.61 5.21 9.60
N SER A 471 -14.73 4.66 9.13
CA SER A 471 -15.70 5.48 8.41
C SER A 471 -16.30 6.56 9.31
N ARG A 472 -16.74 6.17 10.51
CA ARG A 472 -17.29 7.17 11.43
C ARG A 472 -16.23 8.19 11.83
N TYR A 473 -15.02 7.71 12.12
CA TYR A 473 -13.93 8.61 12.49
C TYR A 473 -13.69 9.67 11.42
N ARG A 474 -13.69 9.27 10.15
CA ARG A 474 -13.44 10.21 9.08
C ARG A 474 -14.61 11.17 8.89
N LEU A 475 -15.85 10.66 9.01
CA LEU A 475 -17.01 11.55 8.94
C LEU A 475 -16.98 12.59 10.04
N ARG A 476 -16.67 12.17 11.28
CA ARG A 476 -16.61 13.12 12.39
C ARG A 476 -15.56 14.19 12.13
N GLN A 477 -14.38 13.80 11.65
CA GLN A 477 -13.33 14.78 11.38
C GLN A 477 -13.79 15.78 10.33
N ALA A 478 -14.42 15.30 9.26
CA ALA A 478 -14.96 16.22 8.25
C ALA A 478 -15.97 17.18 8.87
N LEU A 479 -16.86 16.66 9.71
CA LEU A 479 -17.81 17.52 10.40
C LEU A 479 -17.10 18.57 11.24
N GLU A 480 -16.07 18.15 11.98
CA GLU A 480 -15.32 19.09 12.81
C GLU A 480 -14.49 20.05 11.95
N LEU A 481 -13.99 19.58 10.80
CA LEU A 481 -13.29 20.48 9.88
C LEU A 481 -14.19 21.64 9.49
N LEU A 482 -15.45 21.37 9.21
CA LEU A 482 -16.39 22.40 8.75
C LEU A 482 -16.99 23.19 9.89
N GLY A 483 -16.56 22.97 11.14
CA GLY A 483 -17.00 23.73 12.29
C GLY A 483 -17.76 22.92 13.32
N GLY A 484 -18.42 21.86 12.89
CA GLY A 484 -19.20 21.03 13.80
C GLY A 484 -20.61 21.53 13.97
N ALA A 485 -21.20 21.28 15.13
CA ALA A 485 -22.57 21.70 15.42
C ALA A 485 -22.65 22.31 16.81
N SER A 486 -23.39 23.40 16.93
CA SER A 486 -23.61 24.04 18.21
C SER A 486 -24.59 23.24 19.04
N LYS A 487 -24.72 23.62 20.32
CA LYS A 487 -25.69 22.97 21.18
C LYS A 487 -27.12 23.22 20.70
N LYS A 488 -27.39 24.42 20.21
CA LYS A 488 -28.70 24.73 19.66
C LYS A 488 -28.98 23.88 18.42
N GLU A 489 -28.04 23.87 17.46
CA GLU A 489 -28.22 23.04 16.26
C GLU A 489 -28.33 21.58 16.64
N THR A 490 -27.53 21.12 17.60
CA THR A 490 -27.58 19.72 18.01
C THR A 490 -28.98 19.35 18.50
N LYS A 491 -29.58 20.21 19.33
CA LYS A 491 -30.92 19.94 19.82
C LYS A 491 -31.93 19.92 18.68
N GLU A 492 -31.85 20.88 17.76
CA GLU A 492 -32.79 20.94 16.64
C GLU A 492 -32.61 19.74 15.71
N TRP A 493 -31.36 19.31 15.50
CA TRP A 493 -31.10 18.22 14.57
C TRP A 493 -31.42 16.85 15.19
N GLU A 494 -31.33 16.73 16.52
CA GLU A 494 -31.74 15.49 17.15
C GLU A 494 -33.22 15.21 16.91
N LYS A 495 -34.05 16.25 16.96
CA LYS A 495 -35.47 16.08 16.66
C LYS A 495 -35.66 15.47 15.27
N ILE A 496 -34.81 15.85 14.31
CA ILE A 496 -34.91 15.28 12.98
C ILE A 496 -34.39 13.85 12.96
N ARG A 497 -33.30 13.59 13.68
CA ARG A 497 -32.72 12.25 13.72
C ARG A 497 -33.76 11.22 14.14
N ASP A 498 -34.50 11.51 15.21
CA ASP A 498 -35.42 10.52 15.78
C ASP A 498 -36.60 10.23 14.87
N ALA A 499 -36.92 11.11 13.93
CA ALA A 499 -38.01 10.89 12.99
C ALA A 499 -37.55 10.16 11.74
N ILE A 500 -36.32 9.64 11.72
CA ILE A 500 -35.78 8.97 10.55
C ILE A 500 -35.69 7.48 10.83
N PRO A 501 -36.03 6.60 9.87
CA PRO A 501 -35.79 5.17 10.04
C PRO A 501 -34.32 4.79 9.81
N THR B 10 14.57 -23.25 -48.44
CA THR B 10 15.29 -23.49 -47.19
C THR B 10 14.59 -22.77 -46.04
N THR B 11 14.85 -23.22 -44.81
CA THR B 11 14.22 -22.62 -43.64
C THR B 11 14.69 -21.19 -43.44
N VAL B 12 13.74 -20.29 -43.15
CA VAL B 12 14.06 -18.92 -42.83
C VAL B 12 14.78 -18.86 -41.49
N ARG B 13 15.77 -17.98 -41.38
CA ARG B 13 16.52 -17.81 -40.14
C ARG B 13 16.85 -16.33 -39.96
N THR B 14 16.37 -15.75 -38.87
CA THR B 14 16.58 -14.35 -38.54
C THR B 14 17.28 -14.27 -37.19
N ARG B 15 17.71 -13.07 -36.82
CA ARG B 15 18.45 -12.91 -35.57
C ARG B 15 18.41 -11.46 -35.10
N ILE B 16 18.83 -11.28 -33.86
CA ILE B 16 19.27 -10.00 -33.32
C ILE B 16 20.66 -10.22 -32.74
N ALA B 17 21.47 -9.16 -32.74
CA ALA B 17 22.83 -9.20 -32.20
C ALA B 17 23.02 -8.03 -31.25
N PRO B 18 22.33 -8.04 -30.12
CA PRO B 18 22.51 -6.95 -29.15
C PRO B 18 23.87 -7.02 -28.49
N SER B 19 24.41 -5.85 -28.19
CA SER B 19 25.68 -5.80 -27.45
C SER B 19 25.41 -5.72 -25.96
N PRO B 20 26.06 -6.54 -25.13
CA PRO B 20 25.80 -6.55 -23.68
C PRO B 20 26.49 -5.42 -22.94
N THR B 21 26.30 -4.19 -23.42
CA THR B 21 27.00 -3.02 -22.89
C THR B 21 26.05 -2.01 -22.27
N GLY B 22 24.83 -2.42 -21.91
CA GLY B 22 23.92 -1.50 -21.28
C GLY B 22 22.57 -2.14 -21.09
N ASP B 23 21.62 -1.31 -20.64
CA ASP B 23 20.27 -1.79 -20.39
C ASP B 23 19.54 -2.02 -21.71
N PRO B 24 18.63 -3.00 -21.74
CA PRO B 24 17.89 -3.28 -22.98
C PRO B 24 16.90 -2.16 -23.29
N HIS B 25 16.98 -1.63 -24.51
CA HIS B 25 16.16 -0.50 -24.91
C HIS B 25 14.96 -0.97 -25.73
N VAL B 26 13.94 -0.11 -25.78
CA VAL B 26 12.72 -0.42 -26.51
C VAL B 26 13.03 -0.70 -27.97
N GLY B 27 14.02 0.01 -28.54
CA GLY B 27 14.39 -0.24 -29.92
C GLY B 27 14.80 -1.67 -30.17
N THR B 28 15.52 -2.26 -29.23
CA THR B 28 15.94 -3.65 -29.38
C THR B 28 14.75 -4.59 -29.42
N ALA B 29 13.73 -4.32 -28.60
CA ALA B 29 12.55 -5.18 -28.56
C ALA B 29 11.72 -5.02 -29.84
N TYR B 30 11.64 -3.81 -30.36
CA TYR B 30 10.95 -3.58 -31.63
C TYR B 30 11.56 -4.42 -32.74
N ILE B 31 12.89 -4.35 -32.90
CA ILE B 31 13.56 -5.13 -33.93
C ILE B 31 13.44 -6.61 -33.65
N ALA B 32 13.62 -7.02 -32.39
CA ALA B 32 13.51 -8.44 -32.05
C ALA B 32 12.13 -8.98 -32.41
N LEU B 33 11.08 -8.20 -32.12
CA LEU B 33 9.72 -8.66 -32.39
C LEU B 33 9.52 -8.99 -33.87
N PHE B 34 9.94 -8.08 -34.75
CA PHE B 34 9.75 -8.30 -36.18
C PHE B 34 10.55 -9.49 -36.66
N ASN B 35 11.79 -9.66 -36.17
CA ASN B 35 12.57 -10.83 -36.54
C ASN B 35 11.90 -12.10 -36.05
N LEU B 36 11.38 -12.09 -34.82
CA LEU B 36 10.66 -13.25 -34.31
C LEU B 36 9.41 -13.54 -35.14
N CYS B 37 8.67 -12.49 -35.51
CA CYS B 37 7.43 -12.71 -36.25
C CYS B 37 7.71 -13.17 -37.68
N PHE B 38 8.74 -12.62 -38.32
CA PHE B 38 9.08 -13.05 -39.67
C PHE B 38 9.49 -14.52 -39.68
N ALA B 39 10.29 -14.94 -38.69
CA ALA B 39 10.72 -16.33 -38.62
C ALA B 39 9.54 -17.26 -38.38
N ARG B 40 8.68 -16.91 -37.40
CA ARG B 40 7.52 -17.74 -37.12
C ARG B 40 6.58 -17.82 -38.32
N GLN B 41 6.41 -16.72 -39.04
CA GLN B 41 5.53 -16.72 -40.20
C GLN B 41 5.97 -17.76 -41.22
N HIS B 42 7.28 -17.93 -41.41
CA HIS B 42 7.82 -18.84 -42.40
C HIS B 42 8.30 -20.15 -41.78
N GLY B 43 7.90 -20.44 -40.54
CA GLY B 43 8.27 -21.70 -39.92
C GLY B 43 9.77 -21.88 -39.74
N GLY B 44 10.50 -20.79 -39.49
CA GLY B 44 11.92 -20.84 -39.32
C GLY B 44 12.34 -20.64 -37.88
N GLN B 45 13.59 -20.22 -37.70
CA GLN B 45 14.19 -20.04 -36.38
C GLN B 45 14.63 -18.58 -36.20
N PHE B 46 14.49 -18.09 -34.98
CA PHE B 46 14.95 -16.77 -34.58
C PHE B 46 16.07 -16.92 -33.57
N ILE B 47 17.22 -16.30 -33.86
CA ILE B 47 18.45 -16.52 -33.13
C ILE B 47 18.84 -15.25 -32.38
N LEU B 48 19.27 -15.42 -31.14
CA LEU B 48 19.83 -14.32 -30.36
C LEU B 48 21.33 -14.56 -30.21
N ARG B 49 22.13 -13.64 -30.74
CA ARG B 49 23.57 -13.72 -30.70
C ARG B 49 24.14 -12.55 -29.91
N ILE B 50 25.13 -12.81 -29.08
CA ILE B 50 25.81 -11.78 -28.29
C ILE B 50 27.18 -11.54 -28.90
N GLU B 51 27.41 -10.33 -29.39
CA GLU B 51 28.71 -9.95 -29.95
C GLU B 51 29.49 -9.16 -28.91
N ASP B 52 29.99 -9.88 -27.91
CA ASP B 52 30.79 -9.28 -26.85
C ASP B 52 32.27 -9.32 -27.20
N SER B 58 31.32 -4.91 -21.95
CA SER B 58 30.57 -6.17 -21.99
C SER B 58 30.65 -6.89 -20.65
N THR B 59 29.48 -7.29 -20.13
CA THR B 59 29.39 -7.90 -18.81
C THR B 59 28.35 -9.02 -18.83
N ARG B 60 28.65 -10.10 -18.12
CA ARG B 60 27.72 -11.22 -18.05
C ARG B 60 26.42 -10.81 -17.37
N GLU B 61 26.47 -9.82 -16.48
CA GLU B 61 25.25 -9.31 -15.87
C GLU B 61 24.38 -8.59 -16.88
N SER B 62 24.99 -7.70 -17.68
CA SER B 62 24.22 -7.00 -18.70
C SER B 62 23.57 -7.96 -19.68
N GLU B 63 24.19 -9.12 -19.92
CA GLU B 63 23.58 -10.12 -20.79
C GLU B 63 22.27 -10.62 -20.22
N GLN B 64 22.26 -10.97 -18.93
CA GLN B 64 21.05 -11.50 -18.32
C GLN B 64 19.95 -10.44 -18.28
N GLN B 65 20.32 -9.18 -18.09
CA GLN B 65 19.35 -8.10 -18.19
C GLN B 65 18.60 -8.17 -19.52
N ILE B 66 19.35 -8.33 -20.62
CA ILE B 66 18.73 -8.41 -21.94
C ILE B 66 17.79 -9.60 -22.01
N TYR B 67 18.23 -10.77 -21.55
CA TYR B 67 17.36 -11.94 -21.56
C TYR B 67 16.12 -11.68 -20.71
N ASP B 68 16.31 -11.16 -19.50
CA ASP B 68 15.19 -10.97 -18.59
C ASP B 68 14.19 -9.95 -19.13
N ALA B 69 14.69 -8.85 -19.69
CA ALA B 69 13.77 -7.81 -20.19
C ALA B 69 13.01 -8.29 -21.40
N LEU B 70 13.67 -9.00 -22.32
CA LEU B 70 12.99 -9.47 -23.53
C LEU B 70 12.00 -10.57 -23.20
N ARG B 71 12.38 -11.49 -22.29
CA ARG B 71 11.45 -12.55 -21.90
C ARG B 71 10.27 -11.99 -21.14
N TRP B 72 10.50 -10.99 -20.28
CA TRP B 72 9.39 -10.34 -19.60
C TRP B 72 8.39 -9.78 -20.60
N LEU B 73 8.88 -9.23 -21.72
CA LEU B 73 8.00 -8.71 -22.75
C LEU B 73 7.19 -9.79 -23.43
N GLY B 74 7.63 -11.03 -23.38
CA GLY B 74 7.02 -12.10 -24.14
C GLY B 74 7.78 -12.51 -25.38
N ILE B 75 8.97 -11.97 -25.60
CA ILE B 75 9.81 -12.37 -26.73
C ILE B 75 10.57 -13.63 -26.37
N GLU B 76 10.74 -14.51 -27.35
CA GLU B 76 11.51 -15.73 -27.20
C GLU B 76 12.39 -15.92 -28.43
N TRP B 77 13.38 -16.78 -28.29
CA TRP B 77 14.29 -17.11 -29.38
C TRP B 77 14.57 -18.60 -29.36
N ASP B 78 14.73 -19.17 -30.55
CA ASP B 78 14.92 -20.62 -30.69
C ASP B 78 16.35 -21.05 -30.44
N GLU B 79 17.32 -20.13 -30.58
CA GLU B 79 18.72 -20.45 -30.35
C GLU B 79 19.39 -19.24 -29.70
N GLY B 80 20.31 -19.50 -28.79
CA GLY B 80 20.99 -18.43 -28.10
C GLY B 80 21.90 -18.93 -26.99
N PRO B 81 22.63 -18.01 -26.34
CA PRO B 81 23.58 -18.43 -25.30
C PRO B 81 22.92 -19.12 -24.12
N ASP B 82 21.65 -18.81 -23.83
CA ASP B 82 20.99 -19.38 -22.66
C ASP B 82 20.24 -20.66 -23.00
N VAL B 83 19.49 -20.67 -24.10
CA VAL B 83 18.77 -21.88 -24.51
C VAL B 83 19.61 -22.84 -25.32
N GLY B 84 20.80 -22.43 -25.76
CA GLY B 84 21.60 -23.28 -26.61
C GLY B 84 21.08 -23.29 -28.04
N GLY B 85 21.54 -24.29 -28.79
CA GLY B 85 21.15 -24.44 -30.16
C GLY B 85 22.19 -25.20 -30.96
N PRO B 86 21.81 -25.73 -32.12
CA PRO B 86 22.73 -26.56 -32.91
C PRO B 86 23.67 -25.80 -33.83
N HIS B 87 23.71 -24.46 -33.77
CA HIS B 87 24.57 -23.67 -34.64
C HIS B 87 25.34 -22.62 -33.85
N GLY B 88 25.72 -22.95 -32.62
CA GLY B 88 26.50 -22.06 -31.80
C GLY B 88 27.99 -22.29 -31.96
N PRO B 89 28.80 -21.79 -31.01
CA PRO B 89 28.41 -20.99 -29.82
C PRO B 89 27.69 -19.71 -30.22
N TYR B 90 26.95 -19.09 -29.30
CA TYR B 90 26.19 -17.88 -29.60
C TYR B 90 26.72 -16.64 -28.92
N ARG B 91 27.85 -16.74 -28.22
CA ARG B 91 28.60 -15.60 -27.74
C ARG B 91 29.88 -15.48 -28.55
N GLN B 92 30.17 -14.28 -29.08
CA GLN B 92 31.38 -14.08 -29.86
C GLN B 92 32.61 -14.57 -29.11
N SER B 93 32.69 -14.29 -27.81
CA SER B 93 33.86 -14.64 -27.03
C SER B 93 34.10 -16.15 -26.95
N GLU B 94 33.15 -16.97 -27.37
CA GLU B 94 33.29 -18.43 -27.32
C GLU B 94 33.54 -19.04 -28.69
N ARG B 95 33.72 -18.23 -29.73
CA ARG B 95 33.78 -18.71 -31.10
C ARG B 95 35.19 -18.79 -31.65
N GLY B 96 36.21 -18.63 -30.81
CA GLY B 96 37.58 -18.89 -31.22
C GLY B 96 38.15 -17.87 -32.19
N HIS B 97 39.24 -18.29 -32.86
CA HIS B 97 39.97 -17.45 -33.80
C HIS B 97 39.39 -17.49 -35.20
N ILE B 98 38.08 -17.66 -35.33
CA ILE B 98 37.47 -17.76 -36.66
C ILE B 98 37.47 -16.41 -37.36
N TYR B 99 37.48 -15.32 -36.60
CA TYR B 99 37.39 -13.98 -37.21
C TYR B 99 38.72 -13.56 -37.83
N LYS B 100 39.82 -13.78 -37.12
CA LYS B 100 41.14 -13.45 -37.69
C LYS B 100 41.39 -14.22 -38.97
N LYS B 101 40.83 -15.43 -39.09
CA LYS B 101 41.02 -16.23 -40.30
C LYS B 101 40.45 -15.52 -41.52
N TYR B 102 39.22 -14.99 -41.40
CA TYR B 102 38.58 -14.38 -42.56
C TYR B 102 39.19 -13.03 -42.90
N SER B 103 39.58 -12.26 -41.87
CA SER B 103 40.26 -10.99 -42.14
C SER B 103 41.59 -11.23 -42.85
N ASP B 104 42.27 -12.33 -42.53
CA ASP B 104 43.54 -12.63 -43.17
C ASP B 104 43.35 -13.00 -44.64
N GLU B 105 42.29 -13.74 -44.95
CA GLU B 105 42.00 -14.06 -46.35
C GLU B 105 41.79 -12.78 -47.16
N LEU B 106 41.09 -11.80 -46.58
CA LEU B 106 40.84 -10.55 -47.29
C LEU B 106 42.14 -9.80 -47.55
N VAL B 107 43.06 -9.81 -46.58
CA VAL B 107 44.33 -9.13 -46.78
C VAL B 107 45.19 -9.88 -47.79
N GLU B 108 45.11 -11.21 -47.80
CA GLU B 108 45.90 -11.99 -48.74
C GLU B 108 45.34 -11.86 -50.15
N LYS B 109 44.01 -11.86 -50.29
CA LYS B 109 43.36 -11.68 -51.58
C LYS B 109 43.27 -10.21 -52.00
N GLY B 110 43.85 -9.30 -51.23
CA GLY B 110 43.95 -7.91 -51.63
C GLY B 110 42.73 -7.06 -51.37
N HIS B 111 41.71 -7.59 -50.69
CA HIS B 111 40.50 -6.83 -50.41
C HIS B 111 40.58 -6.08 -49.08
N ALA B 112 41.63 -6.30 -48.30
CA ALA B 112 41.84 -5.60 -47.05
C ALA B 112 43.33 -5.27 -46.94
N PHE B 113 43.67 -4.45 -45.95
CA PHE B 113 45.06 -4.06 -45.75
C PHE B 113 45.31 -3.77 -44.28
N THR B 114 46.60 -3.70 -43.93
CA THR B 114 47.03 -3.49 -42.55
C THR B 114 47.29 -2.01 -42.33
N CYS B 115 46.78 -1.49 -41.21
CA CYS B 115 46.88 -0.08 -40.87
C CYS B 115 47.66 0.06 -39.56
N PHE B 116 48.63 0.97 -39.55
CA PHE B 116 49.46 1.23 -38.37
C PHE B 116 49.25 2.62 -37.80
N CYS B 117 48.19 3.32 -38.21
CA CYS B 117 47.97 4.69 -37.75
C CYS B 117 47.72 4.72 -36.24
N THR B 118 48.28 5.72 -35.58
CA THR B 118 48.09 5.90 -34.15
C THR B 118 46.76 6.60 -33.88
N PRO B 119 46.13 6.34 -32.72
CA PRO B 119 44.89 7.06 -32.40
C PRO B 119 45.06 8.57 -32.42
N GLU B 120 46.25 9.08 -32.13
CA GLU B 120 46.48 10.52 -32.19
C GLU B 120 46.39 11.04 -33.62
N ARG B 121 46.76 10.22 -34.60
CA ARG B 121 46.74 10.66 -35.99
C ARG B 121 45.35 10.49 -36.59
N LEU B 122 44.68 9.37 -36.32
CA LEU B 122 43.31 9.21 -36.75
C LEU B 122 42.41 10.29 -36.15
N ASP B 123 42.77 10.80 -34.97
CA ASP B 123 41.99 11.86 -34.35
C ASP B 123 42.21 13.20 -35.04
N ALA B 124 43.38 13.39 -35.66
CA ALA B 124 43.67 14.64 -36.35
C ALA B 124 42.99 14.71 -37.70
N VAL B 125 42.99 13.60 -38.46
CA VAL B 125 42.31 13.58 -39.74
C VAL B 125 40.82 13.84 -39.55
N ARG B 126 40.24 13.28 -38.48
CA ARG B 126 38.84 13.55 -38.18
C ARG B 126 38.60 15.03 -37.94
N ALA B 127 39.55 15.70 -37.29
CA ALA B 127 39.40 17.13 -37.04
C ALA B 127 39.34 17.92 -38.35
N GLU B 128 40.32 17.70 -39.24
CA GLU B 128 40.36 18.43 -40.49
C GLU B 128 39.10 18.18 -41.33
N GLN B 129 38.51 17.00 -41.21
CA GLN B 129 37.32 16.68 -42.00
C GLN B 129 36.07 17.32 -41.42
N MET B 130 35.92 17.33 -40.10
CA MET B 130 34.74 17.96 -39.50
C MET B 130 34.81 19.47 -39.65
N ALA B 131 36.00 20.05 -39.68
CA ALA B 131 36.13 21.49 -39.90
C ALA B 131 35.62 21.91 -41.27
N ARG B 132 35.48 20.96 -42.19
CA ARG B 132 34.95 21.23 -43.53
C ARG B 132 33.48 20.84 -43.66
N LYS B 133 32.82 20.52 -42.55
CA LYS B 133 31.44 20.03 -42.56
C LYS B 133 31.32 18.68 -43.26
N GLU B 134 32.42 17.95 -43.40
CA GLU B 134 32.42 16.63 -44.01
C GLU B 134 32.17 15.56 -42.95
N THR B 135 31.67 14.42 -43.42
CA THR B 135 31.54 13.25 -42.55
C THR B 135 32.88 12.54 -42.47
N PRO B 136 33.44 12.33 -41.28
CA PRO B 136 34.78 11.76 -41.19
C PRO B 136 34.89 10.41 -41.88
N ARG B 137 36.04 10.20 -42.55
CA ARG B 137 36.35 8.95 -43.21
C ARG B 137 37.83 8.65 -42.97
N TYR B 138 38.22 7.40 -43.21
CA TYR B 138 39.63 7.04 -43.15
C TYR B 138 40.32 7.50 -44.43
N ASP B 139 41.39 8.27 -44.28
CA ASP B 139 42.06 8.89 -45.42
C ASP B 139 42.82 7.90 -46.29
N GLY B 140 42.89 6.62 -45.90
CA GLY B 140 43.57 5.64 -46.73
C GLY B 140 45.08 5.74 -46.71
N HIS B 141 45.66 6.16 -45.59
CA HIS B 141 47.11 6.30 -45.51
C HIS B 141 47.81 4.97 -45.80
N CYS B 142 47.58 3.97 -44.96
CA CYS B 142 48.27 2.69 -45.07
C CYS B 142 47.79 1.84 -46.23
N MET B 143 46.81 2.31 -47.01
CA MET B 143 46.19 1.46 -48.02
C MET B 143 47.23 0.86 -48.97
N HIS B 144 48.25 1.64 -49.32
CA HIS B 144 49.27 1.17 -50.26
C HIS B 144 50.65 1.20 -49.62
N LEU B 145 50.84 0.46 -48.49
CA LEU B 145 52.17 0.35 -47.93
C LEU B 145 52.91 -0.84 -48.52
N PRO B 146 54.23 -0.76 -48.65
CA PRO B 146 54.97 -1.85 -49.30
C PRO B 146 54.84 -3.16 -48.52
N LYS B 147 54.84 -4.27 -49.26
CA LYS B 147 54.84 -5.57 -48.62
C LYS B 147 56.05 -5.77 -47.72
N ASP B 148 57.14 -5.05 -47.98
CA ASP B 148 58.32 -5.14 -47.13
C ASP B 148 58.16 -4.29 -45.87
N GLU B 149 57.66 -3.06 -46.01
CA GLU B 149 57.49 -2.19 -44.84
C GLU B 149 56.49 -2.77 -43.85
N VAL B 150 55.48 -3.50 -44.35
CA VAL B 150 54.49 -4.08 -43.46
C VAL B 150 55.03 -5.32 -42.78
N GLN B 151 55.79 -6.15 -43.51
CA GLN B 151 56.38 -7.33 -42.90
C GLN B 151 57.31 -6.94 -41.76
N ARG B 152 58.05 -5.84 -41.91
CA ARG B 152 58.96 -5.39 -40.86
C ARG B 152 58.20 -5.01 -39.60
N ARG B 153 57.29 -4.03 -39.73
CA ARG B 153 56.59 -3.53 -38.56
C ARG B 153 55.82 -4.63 -37.84
N LEU B 154 55.28 -5.60 -38.58
CA LEU B 154 54.58 -6.71 -37.94
C LEU B 154 55.55 -7.59 -37.16
N ALA B 155 56.71 -7.88 -37.73
CA ALA B 155 57.72 -8.66 -37.00
C ALA B 155 58.12 -7.96 -35.70
N ALA B 156 58.16 -6.63 -35.72
CA ALA B 156 58.51 -5.87 -34.52
C ALA B 156 57.37 -5.79 -33.52
N GLY B 157 56.16 -6.20 -33.90
CA GLY B 157 55.05 -6.21 -32.97
C GLY B 157 54.33 -4.88 -32.82
N GLU B 158 54.39 -4.03 -33.84
CA GLU B 158 53.75 -2.72 -33.75
C GLU B 158 52.23 -2.86 -33.84
N SER B 159 51.53 -2.10 -32.99
CA SER B 159 50.08 -2.15 -32.97
C SER B 159 49.51 -1.83 -34.35
N HIS B 160 48.50 -2.60 -34.76
CA HIS B 160 47.97 -2.49 -36.11
C HIS B 160 46.52 -2.99 -36.13
N VAL B 161 45.82 -2.64 -37.20
CA VAL B 161 44.47 -3.11 -37.46
C VAL B 161 44.35 -3.46 -38.93
N THR B 162 43.25 -4.12 -39.27
CA THR B 162 42.96 -4.52 -40.64
C THR B 162 41.72 -3.76 -41.12
N ARG B 163 41.83 -3.13 -42.30
CA ARG B 163 40.75 -2.36 -42.88
C ARG B 163 40.33 -2.96 -44.21
N MET B 164 39.05 -2.82 -44.51
CA MET B 164 38.53 -3.27 -45.80
C MET B 164 38.63 -2.13 -46.82
N LYS B 165 38.80 -2.51 -48.08
CA LYS B 165 38.82 -1.54 -49.17
C LYS B 165 37.43 -1.37 -49.75
N VAL B 166 37.07 -0.13 -50.05
CA VAL B 166 35.77 0.18 -50.63
C VAL B 166 35.99 0.94 -51.94
N PRO B 167 35.12 0.76 -52.93
CA PRO B 167 35.20 1.63 -54.12
C PRO B 167 35.07 3.09 -53.72
N THR B 168 35.57 3.96 -54.60
CA THR B 168 35.47 5.40 -54.39
C THR B 168 34.51 6.08 -55.34
N GLU B 169 34.30 5.53 -56.53
CA GLU B 169 33.34 6.04 -57.49
C GLU B 169 32.18 5.05 -57.63
N GLY B 170 31.09 5.53 -58.23
CA GLY B 170 29.94 4.69 -58.47
C GLY B 170 28.90 4.81 -57.37
N VAL B 171 28.00 3.84 -57.34
CA VAL B 171 26.88 3.83 -56.41
C VAL B 171 26.51 2.39 -56.11
N CYS B 172 26.11 2.14 -54.87
CA CYS B 172 25.68 0.82 -54.42
C CYS B 172 24.16 0.79 -54.33
N VAL B 173 23.55 -0.19 -55.00
CA VAL B 173 22.10 -0.37 -54.96
C VAL B 173 21.79 -1.37 -53.86
N VAL B 174 21.19 -0.90 -52.77
CA VAL B 174 20.84 -1.74 -51.63
C VAL B 174 19.39 -2.21 -51.82
N PRO B 175 19.16 -3.50 -52.11
CA PRO B 175 17.78 -3.95 -52.34
C PRO B 175 17.02 -4.20 -51.05
N ASP B 176 16.28 -3.19 -50.58
CA ASP B 176 15.52 -3.32 -49.35
C ASP B 176 14.16 -3.96 -49.62
N MET B 177 13.77 -4.88 -48.75
CA MET B 177 12.52 -5.61 -48.95
C MET B 177 11.30 -4.70 -48.90
N LEU B 178 11.41 -3.54 -48.25
CA LEU B 178 10.29 -2.61 -48.10
C LEU B 178 10.47 -1.32 -48.87
N ARG B 179 11.63 -0.69 -48.75
CA ARG B 179 11.86 0.58 -49.43
C ARG B 179 12.06 0.42 -50.92
N GLY B 180 12.39 -0.79 -51.37
CA GLY B 180 12.80 -0.98 -52.76
C GLY B 180 14.29 -0.78 -52.91
N ASP B 181 14.72 -0.38 -54.10
CA ASP B 181 16.13 -0.12 -54.34
C ASP B 181 16.52 1.22 -53.72
N VAL B 182 17.62 1.22 -52.97
CA VAL B 182 18.13 2.42 -52.31
C VAL B 182 19.57 2.63 -52.80
N GLU B 183 19.81 3.77 -53.43
CA GLU B 183 21.13 4.08 -53.99
C GLU B 183 21.96 4.81 -52.94
N ILE B 184 23.18 4.34 -52.73
CA ILE B 184 24.11 4.96 -51.78
C ILE B 184 25.45 5.14 -52.50
N PRO B 185 26.10 6.31 -52.38
CA PRO B 185 27.34 6.52 -53.14
C PRO B 185 28.55 5.96 -52.41
N TRP B 186 29.40 5.21 -53.14
CA TRP B 186 30.57 4.60 -52.52
C TRP B 186 31.50 5.64 -51.90
N ASP B 187 31.53 6.86 -52.45
CA ASP B 187 32.40 7.88 -51.90
C ASP B 187 32.00 8.29 -50.48
N ARG B 188 30.81 7.91 -50.03
CA ARG B 188 30.43 8.13 -48.64
C ARG B 188 30.95 7.00 -47.74
N MET B 189 31.03 5.78 -48.26
CA MET B 189 31.54 4.66 -47.48
C MET B 189 33.01 4.90 -47.13
N ASP B 190 33.40 4.43 -45.94
CA ASP B 190 34.77 4.52 -45.47
C ASP B 190 35.38 3.13 -45.41
N MET B 191 36.69 3.10 -45.12
CA MET B 191 37.44 1.85 -45.07
C MET B 191 37.31 1.28 -43.65
N GLN B 192 36.35 0.38 -43.49
CA GLN B 192 35.95 -0.09 -42.18
C GLN B 192 37.00 -1.00 -41.56
N VAL B 193 37.22 -0.84 -40.26
CA VAL B 193 38.13 -1.72 -39.53
C VAL B 193 37.50 -3.10 -39.41
N LEU B 194 38.27 -4.14 -39.75
CA LEU B 194 37.84 -5.52 -39.62
C LEU B 194 38.34 -6.13 -38.31
N MET B 195 39.65 -6.16 -38.11
CA MET B 195 40.26 -6.67 -36.89
C MET B 195 40.86 -5.51 -36.10
N LYS B 196 40.57 -5.45 -34.81
CA LYS B 196 41.07 -4.39 -33.95
C LYS B 196 42.49 -4.71 -33.49
N ALA B 197 43.14 -3.70 -32.93
CA ALA B 197 44.53 -3.84 -32.50
C ALA B 197 44.69 -4.85 -31.38
N ASP B 198 43.61 -5.18 -30.68
CA ASP B 198 43.65 -6.16 -29.60
C ASP B 198 43.31 -7.58 -30.08
N GLY B 199 43.24 -7.80 -31.39
CA GLY B 199 42.93 -9.11 -31.93
C GLY B 199 41.47 -9.47 -31.90
N LEU B 200 40.58 -8.54 -31.52
CA LEU B 200 39.16 -8.82 -31.54
C LEU B 200 38.52 -8.26 -32.80
N PRO B 201 37.49 -8.92 -33.33
CA PRO B 201 36.81 -8.38 -34.52
C PRO B 201 35.93 -7.20 -34.14
N THR B 202 35.66 -6.38 -35.15
CA THR B 202 34.66 -5.35 -34.97
C THR B 202 33.26 -5.96 -35.02
N TYR B 203 32.31 -5.24 -34.40
CA TYR B 203 30.91 -5.63 -34.49
C TYR B 203 30.51 -5.87 -35.94
N PHE B 204 31.07 -5.11 -36.87
CA PHE B 204 30.73 -5.26 -38.28
C PHE B 204 31.20 -6.60 -38.84
N LEU B 205 32.51 -6.88 -38.72
CA LEU B 205 33.03 -8.14 -39.25
C LEU B 205 32.38 -9.34 -38.57
N ALA B 206 32.22 -9.26 -37.24
CA ALA B 206 31.71 -10.42 -36.51
C ALA B 206 30.30 -10.80 -36.95
N ASN B 207 29.43 -9.80 -37.15
CA ASN B 207 28.07 -10.09 -37.56
C ASN B 207 28.01 -10.60 -39.00
N VAL B 208 28.89 -10.11 -39.86
CA VAL B 208 28.96 -10.65 -41.22
C VAL B 208 29.43 -12.10 -41.18
N VAL B 209 30.52 -12.36 -40.46
CA VAL B 209 31.01 -13.73 -40.33
C VAL B 209 29.95 -14.61 -39.70
N ASP B 210 29.40 -14.18 -38.56
CA ASP B 210 28.50 -15.05 -37.80
C ASP B 210 27.17 -15.27 -38.53
N ASP B 211 26.64 -14.23 -39.18
CA ASP B 211 25.43 -14.42 -39.97
C ASP B 211 25.65 -15.47 -41.06
N HIS B 212 26.81 -15.44 -41.70
CA HIS B 212 27.11 -16.43 -42.74
C HIS B 212 27.23 -17.82 -42.14
N LEU B 213 27.97 -17.96 -41.04
CA LEU B 213 28.18 -19.27 -40.46
C LEU B 213 26.92 -19.81 -39.79
N MET B 214 26.05 -18.94 -39.29
CA MET B 214 24.82 -19.37 -38.64
C MET B 214 23.66 -19.54 -39.61
N GLY B 215 23.90 -19.36 -40.91
CA GLY B 215 22.84 -19.57 -41.89
C GLY B 215 21.74 -18.54 -41.84
N ILE B 216 22.04 -17.31 -41.44
CA ILE B 216 21.03 -16.26 -41.41
C ILE B 216 20.64 -15.91 -42.83
N THR B 217 19.33 -15.95 -43.12
CA THR B 217 18.82 -15.70 -44.46
C THR B 217 18.27 -14.29 -44.63
N HIS B 218 17.60 -13.75 -43.61
CA HIS B 218 17.01 -12.43 -43.67
C HIS B 218 17.54 -11.58 -42.52
N VAL B 219 18.07 -10.41 -42.85
CA VAL B 219 18.68 -9.51 -41.88
C VAL B 219 17.74 -8.32 -41.75
N LEU B 220 16.92 -8.30 -40.70
CA LEU B 220 16.03 -7.19 -40.39
C LEU B 220 16.69 -6.35 -39.31
N ARG B 221 17.07 -5.13 -39.67
CA ARG B 221 17.79 -4.23 -38.79
C ARG B 221 17.06 -2.89 -38.72
N GLY B 222 17.47 -2.06 -37.78
CA GLY B 222 16.97 -0.71 -37.73
C GLY B 222 17.56 0.17 -38.82
N GLU B 223 16.83 1.22 -39.15
CA GLU B 223 17.28 2.15 -40.19
C GLU B 223 18.67 2.70 -39.91
N GLU B 224 19.07 2.73 -38.65
CA GLU B 224 20.38 3.28 -38.30
C GLU B 224 21.53 2.53 -38.98
N TRP B 225 21.32 1.28 -39.39
CA TRP B 225 22.35 0.49 -40.03
C TRP B 225 22.28 0.51 -41.55
N LEU B 226 21.38 1.30 -42.13
CA LEU B 226 21.24 1.34 -43.58
C LEU B 226 22.46 1.98 -44.24
N PRO B 227 23.03 3.04 -43.67
CA PRO B 227 24.21 3.65 -44.31
C PRO B 227 25.39 2.71 -44.45
N SER B 228 25.46 1.63 -43.65
CA SER B 228 26.55 0.67 -43.73
C SER B 228 26.21 -0.54 -44.59
N ALA B 229 25.00 -0.58 -45.17
CA ALA B 229 24.64 -1.71 -46.01
C ALA B 229 25.60 -1.96 -47.15
N PRO B 230 26.14 -0.93 -47.82
CA PRO B 230 27.11 -1.22 -48.90
C PRO B 230 28.32 -1.99 -48.41
N LYS B 231 28.86 -1.63 -47.25
CA LYS B 231 30.02 -2.34 -46.71
C LYS B 231 29.68 -3.79 -46.42
N LEU B 232 28.47 -4.06 -45.93
CA LEU B 232 28.02 -5.43 -45.74
C LEU B 232 27.94 -6.16 -47.08
N ILE B 233 27.35 -5.50 -48.08
CA ILE B 233 27.20 -6.12 -49.39
C ILE B 233 28.56 -6.43 -49.99
N LYS B 234 29.54 -5.57 -49.76
CA LYS B 234 30.86 -5.77 -50.36
C LYS B 234 31.62 -6.90 -49.68
N LEU B 235 31.51 -7.01 -48.35
CA LEU B 235 32.17 -8.11 -47.65
C LEU B 235 31.67 -9.47 -48.17
N TYR B 236 30.35 -9.65 -48.22
CA TYR B 236 29.81 -10.87 -48.81
C TYR B 236 30.33 -11.07 -50.22
N GLU B 237 30.49 -9.97 -50.97
CA GLU B 237 31.05 -10.06 -52.31
C GLU B 237 32.49 -10.57 -52.26
N TYR B 238 33.33 -9.95 -51.42
CA TYR B 238 34.71 -10.37 -51.29
C TYR B 238 34.82 -11.86 -50.97
N PHE B 239 34.01 -12.34 -50.02
CA PHE B 239 34.10 -13.73 -49.62
C PHE B 239 33.47 -14.66 -50.65
N GLY B 240 32.61 -14.15 -51.52
CA GLY B 240 31.87 -15.01 -52.42
C GLY B 240 30.71 -15.72 -51.75
N TRP B 241 30.09 -15.10 -50.75
CA TRP B 241 28.98 -15.70 -50.02
C TRP B 241 27.66 -15.19 -50.56
N GLU B 242 26.65 -16.06 -50.53
CA GLU B 242 25.31 -15.67 -50.93
C GLU B 242 24.79 -14.59 -49.99
N GLN B 243 24.34 -13.48 -50.56
CA GLN B 243 23.91 -12.36 -49.73
C GLN B 243 22.52 -12.65 -49.16
N PRO B 244 22.26 -12.25 -47.92
CA PRO B 244 20.92 -12.41 -47.34
C PRO B 244 19.99 -11.30 -47.79
N GLN B 245 18.69 -11.58 -47.73
CA GLN B 245 17.70 -10.55 -47.97
C GLN B 245 17.79 -9.50 -46.88
N LEU B 246 17.63 -8.23 -47.27
CA LEU B 246 17.89 -7.10 -46.38
C LEU B 246 16.63 -6.27 -46.22
N CYS B 247 16.40 -5.79 -45.01
CA CYS B 247 15.27 -4.92 -44.72
C CYS B 247 15.64 -4.04 -43.53
N TYR B 248 15.51 -2.72 -43.70
CA TYR B 248 15.89 -1.75 -42.68
C TYR B 248 14.65 -1.04 -42.18
N MET B 249 14.31 -1.27 -40.92
CA MET B 249 13.05 -0.79 -40.36
C MET B 249 13.12 0.71 -40.09
N PRO B 250 12.07 1.48 -40.44
CA PRO B 250 12.08 2.91 -40.11
C PRO B 250 12.28 3.15 -38.62
N LEU B 251 12.78 4.35 -38.31
CA LEU B 251 13.11 4.70 -36.94
C LEU B 251 11.86 4.90 -36.09
N LEU B 252 11.98 4.56 -34.81
CA LEU B 252 10.98 4.95 -33.83
C LEU B 252 11.14 6.45 -33.54
N ARG B 253 10.01 7.16 -33.51
CA ARG B 253 10.02 8.62 -33.40
C ARG B 253 9.06 9.07 -32.31
N ASN B 254 9.42 10.18 -31.67
CA ASN B 254 8.54 10.83 -30.72
C ASN B 254 7.35 11.42 -31.46
N PRO B 255 6.31 11.85 -30.74
CA PRO B 255 5.17 12.50 -31.41
C PRO B 255 5.54 13.73 -32.22
N ASP B 256 6.64 14.41 -31.88
CA ASP B 256 7.07 15.59 -32.61
C ASP B 256 7.94 15.27 -33.82
N LYS B 257 7.92 14.01 -34.29
CA LYS B 257 8.61 13.52 -35.48
C LYS B 257 10.10 13.34 -35.24
N SER B 258 10.64 13.68 -34.07
CA SER B 258 12.05 13.52 -33.82
C SER B 258 12.38 12.07 -33.47
N LYS B 259 13.67 11.77 -33.40
CA LYS B 259 14.11 10.43 -33.04
C LYS B 259 13.87 10.17 -31.56
N LEU B 260 13.51 8.93 -31.24
CA LEU B 260 13.25 8.57 -29.86
C LEU B 260 14.50 8.81 -29.01
N SER B 261 14.31 9.50 -27.88
CA SER B 261 15.42 9.90 -27.02
C SER B 261 15.01 9.78 -25.57
N LYS B 262 15.94 9.32 -24.73
CA LYS B 262 15.68 9.22 -23.30
C LYS B 262 15.39 10.58 -22.69
N ARG B 263 15.80 11.67 -23.35
CA ARG B 263 15.45 13.00 -22.88
C ARG B 263 13.95 13.24 -23.01
N LYS B 264 13.35 12.86 -24.14
CA LYS B 264 11.91 13.01 -24.32
C LYS B 264 11.17 11.92 -23.54
N ASN B 265 11.05 10.73 -24.13
CA ASN B 265 10.43 9.60 -23.47
C ASN B 265 11.47 8.54 -23.14
N PRO B 266 11.45 7.96 -21.94
CA PRO B 266 12.43 6.92 -21.61
C PRO B 266 12.37 5.76 -22.59
N THR B 267 13.52 5.12 -22.77
CA THR B 267 13.66 4.06 -23.76
C THR B 267 13.95 2.69 -23.16
N SER B 268 14.34 2.62 -21.89
CA SER B 268 14.65 1.32 -21.29
C SER B 268 13.37 0.52 -21.08
N ILE B 269 13.40 -0.75 -21.48
CA ILE B 269 12.25 -1.62 -21.26
C ILE B 269 11.92 -1.70 -19.77
N THR B 270 12.96 -1.75 -18.93
CA THR B 270 12.74 -1.95 -17.50
C THR B 270 12.04 -0.76 -16.86
N PHE B 271 12.19 0.43 -17.44
CA PHE B 271 11.43 1.58 -16.94
C PHE B 271 9.93 1.29 -16.98
N TYR B 272 9.45 0.80 -18.12
CA TYR B 272 8.02 0.55 -18.26
C TYR B 272 7.55 -0.61 -17.38
N GLU B 273 8.44 -1.55 -17.09
CA GLU B 273 8.11 -2.58 -16.11
C GLU B 273 7.94 -1.98 -14.72
N ARG B 274 8.93 -1.20 -14.27
CA ARG B 274 8.87 -0.64 -12.92
C ARG B 274 7.75 0.38 -12.79
N MET B 275 7.34 1.01 -13.90
CA MET B 275 6.26 1.98 -13.86
C MET B 275 4.88 1.35 -13.77
N GLY B 276 4.78 0.04 -13.97
CA GLY B 276 3.51 -0.65 -13.85
C GLY B 276 2.79 -0.92 -15.15
N TYR B 277 3.50 -0.93 -16.28
CA TYR B 277 2.89 -1.32 -17.53
C TYR B 277 2.92 -2.83 -17.67
N LEU B 278 1.91 -3.37 -18.34
CA LEU B 278 1.88 -4.81 -18.56
C LEU B 278 2.75 -5.16 -19.77
N PRO B 279 3.52 -6.25 -19.70
CA PRO B 279 4.34 -6.61 -20.87
C PRO B 279 3.51 -6.91 -22.11
N GLN B 280 2.35 -7.55 -21.93
CA GLN B 280 1.48 -7.80 -23.09
C GLN B 280 1.05 -6.50 -23.75
N ALA B 281 1.01 -5.40 -22.98
CA ALA B 281 0.58 -4.13 -23.53
C ALA B 281 1.71 -3.42 -24.27
N LEU B 282 2.93 -3.46 -23.73
CA LEU B 282 4.05 -2.83 -24.42
C LEU B 282 4.43 -3.61 -25.67
N LEU B 283 4.43 -4.94 -25.59
CA LEU B 283 4.70 -5.74 -26.78
C LEU B 283 3.64 -5.50 -27.84
N ASN B 284 2.37 -5.45 -27.43
CA ASN B 284 1.29 -5.15 -28.37
C ASN B 284 1.49 -3.76 -28.99
N TYR B 285 1.92 -2.79 -28.19
CA TYR B 285 2.13 -1.44 -28.72
C TYR B 285 3.26 -1.41 -29.73
N LEU B 286 4.34 -2.16 -29.48
CA LEU B 286 5.43 -2.21 -30.44
C LEU B 286 4.98 -2.86 -31.76
N GLY B 287 4.09 -3.83 -31.68
CA GLY B 287 3.58 -4.46 -32.90
C GLY B 287 2.58 -3.58 -33.62
N ARG B 288 1.69 -2.94 -32.87
CA ARG B 288 0.69 -2.03 -33.46
C ARG B 288 1.32 -0.78 -34.06
N MET B 289 2.59 -0.50 -33.75
CA MET B 289 3.26 0.65 -34.35
C MET B 289 3.67 0.36 -35.79
N GLY B 290 4.36 -0.75 -36.01
CA GLY B 290 4.83 -1.10 -37.34
C GLY B 290 3.72 -1.57 -38.27
N TRP B 291 3.35 -2.84 -38.17
CA TRP B 291 2.29 -3.38 -39.01
C TRP B 291 0.93 -3.16 -38.32
N SER B 292 -0.12 -3.69 -38.93
CA SER B 292 -1.47 -3.48 -38.42
C SER B 292 -2.13 -4.80 -38.07
N GLU B 298 -6.15 -0.70 -31.25
CA GLU B 298 -6.25 -2.11 -31.61
C GLU B 298 -5.37 -2.96 -30.69
N LYS B 299 -5.98 -3.98 -30.09
CA LYS B 299 -5.33 -4.82 -29.08
C LYS B 299 -5.24 -6.24 -29.60
N PHE B 300 -4.08 -6.87 -29.44
CA PHE B 300 -3.88 -8.24 -29.87
C PHE B 300 -2.69 -8.83 -29.11
N THR B 301 -2.69 -10.16 -29.01
CA THR B 301 -1.63 -10.88 -28.32
C THR B 301 -0.45 -11.13 -29.26
N LEU B 302 0.58 -11.80 -28.74
CA LEU B 302 1.71 -12.18 -29.58
C LEU B 302 1.31 -13.25 -30.58
N ALA B 303 0.72 -14.35 -30.09
CA ALA B 303 0.26 -15.41 -30.99
C ALA B 303 -0.68 -14.85 -32.06
N GLU B 304 -1.48 -13.85 -31.72
CA GLU B 304 -2.32 -13.20 -32.71
C GLU B 304 -1.50 -12.30 -33.63
N MET B 305 -0.55 -11.55 -33.06
CA MET B 305 0.33 -10.71 -33.88
C MET B 305 1.04 -11.54 -34.94
N ILE B 306 1.51 -12.73 -34.58
CA ILE B 306 2.16 -13.60 -35.56
C ILE B 306 1.15 -14.08 -36.60
N GLU B 307 -0.09 -14.32 -36.18
CA GLU B 307 -1.13 -14.73 -37.12
C GLU B 307 -1.28 -13.72 -38.25
N HIS B 308 -1.61 -12.47 -37.90
CA HIS B 308 -1.85 -11.42 -38.88
C HIS B 308 -0.59 -10.60 -39.20
N PHE B 309 0.59 -11.24 -39.21
CA PHE B 309 1.82 -10.53 -39.49
C PHE B 309 2.16 -10.61 -40.98
N ASP B 310 2.66 -9.51 -41.52
CA ASP B 310 3.30 -9.52 -42.82
C ASP B 310 4.11 -8.24 -42.96
N LEU B 311 5.30 -8.38 -43.54
CA LEU B 311 6.23 -7.26 -43.61
C LEU B 311 5.69 -6.12 -44.46
N SER B 312 4.89 -6.44 -45.48
CA SER B 312 4.39 -5.40 -46.38
C SER B 312 3.49 -4.41 -45.67
N ARG B 313 2.90 -4.78 -44.53
CA ARG B 313 2.04 -3.87 -43.79
C ARG B 313 2.81 -2.81 -43.02
N VAL B 314 4.12 -2.78 -43.13
CA VAL B 314 4.94 -1.76 -42.46
C VAL B 314 4.93 -0.49 -43.29
N SER B 315 4.69 0.65 -42.64
CA SER B 315 4.66 1.93 -43.35
C SER B 315 6.07 2.46 -43.55
N LEU B 316 6.29 3.07 -44.71
CA LEU B 316 7.61 3.63 -45.01
C LEU B 316 7.98 4.74 -44.05
N GLY B 317 6.98 5.41 -43.46
CA GLY B 317 7.23 6.44 -42.48
C GLY B 317 7.35 5.86 -41.08
N GLY B 318 8.23 6.46 -40.28
CA GLY B 318 8.55 5.96 -38.96
C GLY B 318 7.35 5.91 -38.05
N PRO B 319 7.25 4.86 -37.24
CA PRO B 319 6.16 4.78 -36.25
C PRO B 319 6.40 5.76 -35.10
N ILE B 320 5.30 6.14 -34.46
CA ILE B 320 5.31 7.14 -33.40
C ILE B 320 5.16 6.43 -32.07
N PHE B 321 6.08 6.71 -31.14
CA PHE B 321 5.99 6.17 -29.78
C PHE B 321 5.30 7.21 -28.91
N ASP B 322 3.98 7.06 -28.75
CA ASP B 322 3.16 8.00 -28.00
C ASP B 322 2.84 7.40 -26.64
N LEU B 323 3.42 7.99 -25.59
CA LEU B 323 3.24 7.43 -24.25
C LEU B 323 1.78 7.48 -23.82
N GLU B 324 1.07 8.54 -24.19
CA GLU B 324 -0.34 8.65 -23.80
C GLU B 324 -1.16 7.55 -24.45
N LYS B 325 -0.88 7.23 -25.72
CA LYS B 325 -1.57 6.13 -26.38
C LYS B 325 -1.18 4.78 -25.76
N LEU B 326 0.09 4.64 -25.34
CA LEU B 326 0.50 3.43 -24.66
C LEU B 326 -0.24 3.26 -23.34
N SER B 327 -0.42 4.35 -22.59
CA SER B 327 -1.12 4.27 -21.32
C SER B 327 -2.57 3.85 -21.50
N TRP B 328 -3.25 4.43 -22.50
CA TRP B 328 -4.62 4.03 -22.77
C TRP B 328 -4.70 2.54 -23.12
N LEU B 329 -3.76 2.04 -23.93
CA LEU B 329 -3.78 0.63 -24.28
C LEU B 329 -3.51 -0.24 -23.06
N ASN B 330 -2.54 0.15 -22.23
CA ASN B 330 -2.26 -0.62 -21.02
C ASN B 330 -3.48 -0.66 -20.11
N GLY B 331 -4.21 0.44 -20.01
CA GLY B 331 -5.44 0.45 -19.23
C GLY B 331 -6.48 -0.54 -19.72
N GLN B 332 -6.51 -0.80 -21.03
CA GLN B 332 -7.47 -1.75 -21.56
C GLN B 332 -7.03 -3.19 -21.26
N TRP B 333 -5.73 -3.46 -21.31
CA TRP B 333 -5.23 -4.77 -20.90
C TRP B 333 -5.55 -5.04 -19.44
N ILE B 334 -5.41 -4.02 -18.58
CA ILE B 334 -5.72 -4.20 -17.17
C ILE B 334 -7.21 -4.47 -16.98
N ARG B 335 -8.06 -3.76 -17.71
CA ARG B 335 -9.50 -3.90 -17.53
C ARG B 335 -10.00 -5.23 -18.06
N GLU B 336 -9.52 -5.65 -19.23
CA GLU B 336 -10.06 -6.83 -19.92
C GLU B 336 -9.36 -8.11 -19.44
N GLN B 337 -9.46 -8.34 -18.13
CA GLN B 337 -8.92 -9.55 -17.53
C GLN B 337 -9.59 -9.75 -16.18
N SER B 338 -9.51 -10.98 -15.68
CA SER B 338 -10.10 -11.30 -14.38
C SER B 338 -9.37 -10.54 -13.28
N VAL B 339 -10.07 -10.35 -12.16
CA VAL B 339 -9.45 -9.70 -11.01
C VAL B 339 -8.28 -10.53 -10.50
N GLU B 340 -8.35 -11.86 -10.66
CA GLU B 340 -7.25 -12.72 -10.23
C GLU B 340 -6.00 -12.46 -11.06
N GLU B 341 -6.13 -12.42 -12.39
CA GLU B 341 -4.98 -12.11 -13.23
C GLU B 341 -4.41 -10.74 -12.89
N PHE B 342 -5.28 -9.75 -12.73
CA PHE B 342 -4.85 -8.41 -12.33
C PHE B 342 -4.05 -8.46 -11.03
N ALA B 343 -4.55 -9.19 -10.03
CA ALA B 343 -3.87 -9.24 -8.74
C ALA B 343 -2.51 -9.91 -8.85
N ARG B 344 -2.42 -10.99 -9.63
CA ARG B 344 -1.12 -11.64 -9.84
C ARG B 344 -0.12 -10.68 -10.45
N GLU B 345 -0.55 -9.90 -11.45
CA GLU B 345 0.34 -8.93 -12.07
C GLU B 345 0.77 -7.86 -11.08
N VAL B 346 -0.13 -7.43 -10.21
CA VAL B 346 0.23 -6.42 -9.21
C VAL B 346 1.21 -7.01 -8.20
N GLN B 347 1.03 -8.28 -7.83
CA GLN B 347 1.96 -8.93 -6.91
C GLN B 347 3.37 -8.95 -7.48
N LYS B 348 3.52 -9.39 -8.74
CA LYS B 348 4.85 -9.46 -9.33
C LYS B 348 5.45 -8.07 -9.51
N TRP B 349 4.64 -7.07 -9.81
CA TRP B 349 5.16 -5.72 -10.04
C TRP B 349 5.77 -5.14 -8.78
N ALA B 350 5.08 -5.22 -7.63
CA ALA B 350 5.62 -4.60 -6.43
C ALA B 350 5.07 -5.15 -5.11
N LEU B 351 3.88 -5.75 -5.13
CA LEU B 351 3.26 -6.24 -3.89
C LEU B 351 3.70 -7.68 -3.63
N ASN B 352 4.99 -7.83 -3.37
CA ASN B 352 5.57 -9.13 -3.05
C ASN B 352 6.48 -8.98 -1.83
N PRO B 353 6.73 -10.08 -1.11
CA PRO B 353 7.56 -9.98 0.10
C PRO B 353 8.97 -9.47 -0.14
N GLU B 354 9.50 -9.64 -1.35
CA GLU B 354 10.88 -9.23 -1.60
C GLU B 354 10.99 -7.71 -1.61
N TYR B 355 10.10 -7.03 -2.33
CA TYR B 355 10.10 -5.58 -2.37
C TYR B 355 9.69 -4.99 -1.03
N LEU B 356 8.61 -5.53 -0.45
CA LEU B 356 8.06 -4.95 0.77
C LEU B 356 9.00 -5.14 1.96
N MET B 357 9.61 -6.31 2.09
CA MET B 357 10.57 -6.51 3.17
C MET B 357 11.82 -5.65 3.00
N LYS B 358 12.11 -5.19 1.78
CA LYS B 358 13.17 -4.21 1.62
C LYS B 358 12.77 -2.86 2.19
N ILE B 359 11.49 -2.50 2.09
CA ILE B 359 11.00 -1.24 2.63
C ILE B 359 10.81 -1.34 4.14
N ALA B 360 10.30 -2.48 4.62
CA ALA B 360 9.90 -2.67 6.00
C ALA B 360 10.88 -2.05 7.01
N PRO B 361 12.16 -2.41 6.99
CA PRO B 361 13.07 -1.88 8.01
C PRO B 361 13.25 -0.37 7.94
N HIS B 362 12.90 0.26 6.83
CA HIS B 362 13.04 1.70 6.69
C HIS B 362 11.81 2.47 7.12
N VAL B 363 10.70 1.79 7.42
CA VAL B 363 9.53 2.42 8.02
C VAL B 363 9.32 1.98 9.46
N GLN B 364 9.87 0.84 9.87
CA GLN B 364 9.61 0.30 11.21
C GLN B 364 10.01 1.30 12.29
N GLY B 365 11.05 2.09 12.08
CA GLY B 365 11.51 3.04 13.06
C GLY B 365 10.95 4.43 12.94
N ARG B 366 9.96 4.64 12.06
CA ARG B 366 9.47 5.97 11.76
C ARG B 366 7.96 6.12 11.92
N VAL B 367 7.27 5.12 12.47
CA VAL B 367 5.82 5.15 12.59
C VAL B 367 5.43 4.88 14.04
N GLU B 368 4.39 5.58 14.50
CA GLU B 368 3.79 5.31 15.80
C GLU B 368 2.56 4.42 15.70
N ASN B 369 2.02 4.23 14.49
CA ASN B 369 1.02 3.21 14.23
C ASN B 369 1.10 2.85 12.76
N PHE B 370 0.48 1.71 12.41
CA PHE B 370 0.60 1.20 11.05
C PHE B 370 -0.08 2.09 10.03
N SER B 371 -1.08 2.88 10.43
CA SER B 371 -1.75 3.75 9.48
C SER B 371 -0.86 4.90 9.02
N GLN B 372 0.30 5.10 9.65
CA GLN B 372 1.28 6.08 9.21
C GLN B 372 2.24 5.55 8.15
N ILE B 373 2.15 4.26 7.80
CA ILE B 373 3.13 3.68 6.88
C ILE B 373 2.87 4.16 5.45
N ALA B 374 1.61 4.20 5.03
CA ALA B 374 1.29 4.48 3.63
C ALA B 374 1.69 5.89 3.24
N PRO B 375 1.39 6.92 4.02
CA PRO B 375 1.87 8.27 3.68
C PRO B 375 3.38 8.34 3.59
N LEU B 376 4.09 7.58 4.44
CA LEU B 376 5.54 7.61 4.45
C LEU B 376 6.14 6.85 3.27
N ALA B 377 5.60 5.67 2.96
CA ALA B 377 6.19 4.77 1.99
C ALA B 377 5.48 4.83 0.63
N GLY B 378 4.51 5.72 0.46
CA GLY B 378 3.78 5.78 -0.79
C GLY B 378 4.68 5.98 -2.00
N PHE B 379 5.77 6.72 -1.84
CA PHE B 379 6.63 7.04 -2.97
C PHE B 379 7.29 5.80 -3.57
N PHE B 380 7.37 4.70 -2.81
CA PHE B 380 7.92 3.46 -3.35
C PHE B 380 7.01 2.84 -4.42
N PHE B 381 5.79 3.36 -4.58
CA PHE B 381 4.81 2.74 -5.47
C PHE B 381 4.21 3.70 -6.49
N SER B 382 4.56 4.98 -6.47
CA SER B 382 3.87 5.99 -7.27
C SER B 382 4.52 6.25 -8.62
N GLY B 383 5.53 5.49 -9.01
CA GLY B 383 6.18 5.72 -10.29
C GLY B 383 7.01 6.99 -10.28
N GLY B 384 6.38 8.12 -10.53
CA GLY B 384 6.92 9.42 -10.21
C GLY B 384 6.44 9.89 -8.85
N VAL B 385 6.62 11.19 -8.60
CA VAL B 385 6.12 11.79 -7.37
C VAL B 385 5.52 13.15 -7.68
N PRO B 386 4.59 13.60 -6.84
CA PRO B 386 4.04 14.95 -7.01
C PRO B 386 5.15 15.99 -6.98
N LEU B 387 5.16 16.87 -7.97
CA LEU B 387 6.22 17.84 -8.17
C LEU B 387 5.83 19.19 -7.59
N ASP B 388 6.75 19.78 -6.83
CA ASP B 388 6.53 21.10 -6.21
C ASP B 388 7.87 21.84 -6.26
N ALA B 389 7.98 22.80 -7.18
CA ALA B 389 9.25 23.48 -7.40
C ALA B 389 9.79 24.09 -6.11
N SER B 390 8.91 24.61 -5.25
CA SER B 390 9.35 25.28 -4.04
C SER B 390 10.17 24.38 -3.12
N LEU B 391 10.08 23.06 -3.29
CA LEU B 391 10.86 22.14 -2.48
C LEU B 391 12.35 22.18 -2.77
N PHE B 392 12.76 22.79 -3.88
CA PHE B 392 14.15 22.79 -4.32
C PHE B 392 14.81 24.15 -4.14
N GLU B 393 14.47 24.83 -3.05
CA GLU B 393 15.10 26.10 -2.69
C GLU B 393 16.15 25.81 -1.61
N HIS B 394 17.40 26.12 -1.92
CA HIS B 394 18.53 25.75 -1.08
C HIS B 394 19.15 26.99 -0.45
N LYS B 395 19.66 26.82 0.77
CA LYS B 395 20.30 27.93 1.47
C LYS B 395 21.52 28.42 0.71
N LYS B 396 22.54 27.57 0.59
CA LYS B 396 23.79 27.94 -0.06
C LYS B 396 23.80 27.63 -1.55
N LEU B 397 22.63 27.51 -2.17
CA LEU B 397 22.54 27.23 -3.60
C LEU B 397 21.43 28.06 -4.21
N ASP B 398 21.67 28.54 -5.43
CA ASP B 398 20.71 29.37 -6.16
C ASP B 398 19.99 28.56 -7.23
N PRO B 399 18.87 29.07 -7.74
CA PRO B 399 18.07 28.28 -8.70
C PRO B 399 18.85 27.82 -9.91
N THR B 400 19.99 28.44 -10.22
CA THR B 400 20.81 27.98 -11.34
C THR B 400 21.75 26.86 -10.93
N GLN B 401 22.35 26.95 -9.75
CA GLN B 401 23.27 25.91 -9.29
C GLN B 401 22.53 24.61 -9.00
N VAL B 402 21.28 24.69 -8.52
CA VAL B 402 20.53 23.47 -8.23
C VAL B 402 20.35 22.65 -9.50
N ARG B 403 19.95 23.30 -10.59
CA ARG B 403 19.80 22.58 -11.85
C ARG B 403 21.11 21.91 -12.26
N GLN B 404 22.24 22.59 -12.01
CA GLN B 404 23.53 22.04 -12.42
C GLN B 404 23.82 20.72 -11.71
N VAL B 405 23.70 20.71 -10.39
CA VAL B 405 23.98 19.49 -9.64
C VAL B 405 23.01 18.37 -10.04
N LEU B 406 21.74 18.72 -10.22
CA LEU B 406 20.77 17.72 -10.65
C LEU B 406 21.17 17.11 -11.98
N GLN B 407 21.56 17.94 -12.94
CA GLN B 407 21.99 17.43 -14.24
C GLN B 407 23.22 16.54 -14.09
N LEU B 408 24.24 17.03 -13.39
CA LEU B 408 25.47 16.25 -13.23
C LEU B 408 25.21 14.97 -12.46
N VAL B 409 24.36 15.03 -11.43
CA VAL B 409 24.00 13.83 -10.69
C VAL B 409 23.27 12.85 -11.62
N LEU B 410 22.31 13.37 -12.39
CA LEU B 410 21.59 12.53 -13.33
C LEU B 410 22.53 11.85 -14.32
N TRP B 411 23.44 12.63 -14.92
CA TRP B 411 24.36 12.07 -15.91
C TRP B 411 25.19 10.94 -15.33
N LYS B 412 25.80 11.17 -14.17
CA LYS B 412 26.65 10.14 -13.58
C LYS B 412 25.84 8.92 -13.16
N LEU B 413 24.59 9.12 -12.74
CA LEU B 413 23.74 7.99 -12.38
C LEU B 413 23.22 7.27 -13.62
N GLU B 414 23.10 7.98 -14.75
CA GLU B 414 22.74 7.33 -16.00
C GLU B 414 23.86 6.40 -16.48
N SER B 415 25.09 6.67 -16.09
CA SER B 415 26.24 5.87 -16.49
C SER B 415 26.60 4.79 -15.47
N LEU B 416 25.84 4.66 -14.40
CA LEU B 416 26.16 3.69 -13.35
C LEU B 416 25.70 2.31 -13.78
N ARG B 417 26.63 1.35 -13.79
CA ARG B 417 26.31 0.00 -14.24
C ARG B 417 25.61 -0.79 -13.14
N GLN B 418 26.27 -0.98 -12.00
CA GLN B 418 25.71 -1.73 -10.89
C GLN B 418 24.97 -0.78 -9.96
N TRP B 419 23.67 -1.00 -9.78
CA TRP B 419 22.82 -0.09 -9.01
C TRP B 419 22.73 -0.61 -7.59
N GLU B 420 23.68 -0.19 -6.75
CA GLU B 420 23.68 -0.53 -5.34
C GLU B 420 24.02 0.70 -4.53
N LYS B 421 23.63 0.68 -3.24
CA LYS B 421 23.76 1.87 -2.40
C LYS B 421 25.21 2.35 -2.33
N GLU B 422 26.16 1.43 -2.17
CA GLU B 422 27.55 1.84 -1.98
C GLU B 422 28.10 2.53 -3.22
N ARG B 423 27.61 2.18 -4.40
CA ARG B 423 28.05 2.83 -5.63
C ARG B 423 27.21 4.04 -5.99
N ILE B 424 25.92 4.03 -5.63
CA ILE B 424 25.09 5.22 -5.83
C ILE B 424 25.65 6.38 -5.03
N THR B 425 25.98 6.13 -3.76
CA THR B 425 26.54 7.19 -2.92
C THR B 425 27.87 7.69 -3.45
N GLY B 426 28.65 6.81 -4.08
CA GLY B 426 29.91 7.24 -4.66
C GLY B 426 29.72 8.23 -5.78
N CYS B 427 28.74 7.97 -6.67
CA CYS B 427 28.46 8.90 -7.75
C CYS B 427 28.06 10.27 -7.21
N ILE B 428 27.16 10.29 -6.24
CA ILE B 428 26.69 11.57 -5.69
C ILE B 428 27.83 12.27 -4.96
N GLN B 429 28.67 11.52 -4.27
CA GLN B 429 29.80 12.12 -3.57
C GLN B 429 30.84 12.64 -4.54
N ALA B 430 31.03 11.94 -5.66
CA ALA B 430 32.01 12.39 -6.65
C ALA B 430 31.59 13.71 -7.29
N VAL B 431 30.30 13.85 -7.62
CA VAL B 431 29.82 15.12 -8.18
C VAL B 431 29.97 16.24 -7.17
N ALA B 432 29.88 15.93 -5.88
CA ALA B 432 30.04 16.94 -4.85
C ALA B 432 31.50 17.28 -4.61
N GLU B 433 32.31 16.26 -4.32
CA GLU B 433 33.74 16.49 -4.10
C GLU B 433 34.35 17.24 -5.28
N HIS B 434 34.01 16.83 -6.51
CA HIS B 434 34.48 17.57 -7.68
C HIS B 434 33.95 19.00 -7.66
N LEU B 435 32.69 19.16 -7.30
CA LEU B 435 32.12 20.50 -7.14
C LEU B 435 32.75 21.15 -5.91
N GLN B 436 32.26 22.33 -5.54
CA GLN B 436 32.76 23.09 -4.40
C GLN B 436 31.87 22.91 -3.17
N LEU B 437 31.33 21.71 -2.98
CA LEU B 437 30.38 21.46 -1.90
C LEU B 437 30.60 20.07 -1.33
N LYS B 438 30.06 19.85 -0.14
CA LYS B 438 30.15 18.58 0.56
C LYS B 438 28.90 17.75 0.30
N LEU B 439 29.04 16.44 0.46
CA LEU B 439 27.92 15.52 0.23
C LEU B 439 26.68 15.98 0.98
N ARG B 440 26.86 16.43 2.22
CA ARG B 440 25.72 16.87 3.03
C ARG B 440 25.01 18.08 2.42
N ASP B 441 25.66 18.77 1.48
CA ASP B 441 25.03 19.93 0.82
C ASP B 441 24.06 19.54 -0.28
N VAL B 442 24.07 18.28 -0.72
CA VAL B 442 23.33 17.88 -1.91
C VAL B 442 22.08 17.10 -1.51
N MET B 443 22.15 16.35 -0.40
CA MET B 443 21.04 15.50 -0.02
C MET B 443 19.73 16.28 0.15
N PRO B 444 19.72 17.50 0.68
CA PRO B 444 18.44 18.24 0.74
C PRO B 444 17.70 18.29 -0.58
N LEU B 445 18.41 18.22 -1.71
CA LEU B 445 17.77 18.21 -3.01
C LEU B 445 17.36 16.81 -3.46
N MET B 446 18.05 15.78 -2.99
CA MET B 446 17.72 14.41 -3.39
C MET B 446 16.39 13.97 -2.80
N PHE B 447 16.15 14.27 -1.52
CA PHE B 447 14.94 13.83 -0.85
C PHE B 447 13.69 14.22 -1.62
N PRO B 448 13.48 15.50 -1.97
CA PRO B 448 12.29 15.85 -2.74
C PRO B 448 12.24 15.18 -4.12
N ALA B 449 13.36 15.18 -4.84
CA ALA B 449 13.36 14.60 -6.18
C ALA B 449 12.93 13.13 -6.15
N ILE B 450 13.42 12.37 -5.17
CA ILE B 450 13.17 10.93 -5.13
C ILE B 450 11.87 10.60 -4.42
N THR B 451 11.60 11.21 -3.27
CA THR B 451 10.44 10.85 -2.47
C THR B 451 9.31 11.86 -2.55
N GLY B 452 9.55 13.04 -3.12
CA GLY B 452 8.54 14.08 -3.14
C GLY B 452 8.34 14.79 -1.83
N HIS B 453 9.15 14.50 -0.81
CA HIS B 453 9.07 15.15 0.48
C HIS B 453 10.41 15.76 0.86
N ALA B 454 10.36 16.77 1.73
CA ALA B 454 11.59 17.38 2.21
C ALA B 454 12.41 16.41 3.07
N SER B 455 11.74 15.49 3.76
CA SER B 455 12.42 14.46 4.54
C SER B 455 11.60 13.18 4.47
N SER B 456 12.31 12.06 4.56
CA SER B 456 11.67 10.76 4.40
C SER B 456 12.63 9.69 4.94
N VAL B 457 12.45 8.45 4.50
CA VAL B 457 13.33 7.36 4.87
C VAL B 457 14.72 7.63 4.28
N SER B 458 15.70 6.80 4.64
CA SER B 458 17.04 6.91 4.08
C SER B 458 16.96 6.94 2.55
N VAL B 459 17.21 8.11 1.96
CA VAL B 459 16.99 8.27 0.52
C VAL B 459 17.95 7.40 -0.28
N LEU B 460 19.15 7.15 0.24
CA LEU B 460 20.11 6.32 -0.49
C LEU B 460 19.64 4.87 -0.56
N ASP B 461 19.20 4.32 0.59
CA ASP B 461 18.57 3.01 0.56
C ASP B 461 17.33 3.00 -0.31
N ALA B 462 16.59 4.11 -0.34
CA ALA B 462 15.39 4.18 -1.14
C ALA B 462 15.71 4.09 -2.63
N MET B 463 16.78 4.75 -3.07
CA MET B 463 17.12 4.72 -4.49
C MET B 463 17.52 3.32 -4.93
N GLU B 464 18.30 2.60 -4.10
CA GLU B 464 18.63 1.22 -4.42
C GLU B 464 17.36 0.38 -4.53
N ILE B 465 16.40 0.60 -3.63
CA ILE B 465 15.16 -0.17 -3.65
C ILE B 465 14.33 0.21 -4.86
N LEU B 466 14.17 1.51 -5.11
CA LEU B 466 13.37 1.96 -6.24
C LEU B 466 13.91 1.45 -7.57
N GLY B 467 15.23 1.32 -7.69
CA GLY B 467 15.85 0.93 -8.92
C GLY B 467 16.40 2.11 -9.70
N ALA B 468 17.21 1.78 -10.71
CA ALA B 468 17.88 2.82 -11.49
C ALA B 468 16.88 3.61 -12.35
N ASP B 469 15.92 2.91 -12.96
CA ASP B 469 15.02 3.57 -13.92
C ASP B 469 14.16 4.62 -13.23
N LEU B 470 13.51 4.26 -12.14
CA LEU B 470 12.60 5.22 -11.49
C LEU B 470 13.37 6.36 -10.82
N SER B 471 14.58 6.08 -10.33
CA SER B 471 15.37 7.13 -9.70
C SER B 471 15.78 8.19 -10.73
N ARG B 472 16.34 7.76 -11.86
CA ARG B 472 16.69 8.72 -12.91
C ARG B 472 15.46 9.46 -13.41
N TYR B 473 14.36 8.73 -13.62
CA TYR B 473 13.13 9.37 -14.12
C TYR B 473 12.71 10.52 -13.22
N ARG B 474 12.72 10.30 -11.91
CA ARG B 474 12.28 11.33 -10.98
C ARG B 474 13.27 12.49 -10.93
N LEU B 475 14.57 12.19 -10.92
CA LEU B 475 15.57 13.26 -10.96
C LEU B 475 15.42 14.10 -12.22
N ARG B 476 15.17 13.44 -13.37
CA ARG B 476 14.96 14.18 -14.60
C ARG B 476 13.70 15.03 -14.54
N GLN B 477 12.60 14.45 -14.04
CA GLN B 477 11.37 15.23 -13.86
C GLN B 477 11.61 16.43 -12.96
N ALA B 478 12.34 16.24 -11.87
CA ALA B 478 12.66 17.38 -10.99
C ALA B 478 13.49 18.40 -11.72
N LEU B 479 14.53 17.96 -12.44
CA LEU B 479 15.38 18.88 -13.18
C LEU B 479 14.57 19.66 -14.22
N GLU B 480 13.69 18.97 -14.96
CA GLU B 480 12.88 19.65 -15.95
C GLU B 480 11.80 20.52 -15.30
N LEU B 481 11.38 20.19 -14.08
CA LEU B 481 10.45 21.06 -13.37
C LEU B 481 11.07 22.42 -13.12
N LEU B 482 12.29 22.43 -12.57
CA LEU B 482 12.97 23.67 -12.22
C LEU B 482 13.39 24.48 -13.44
N GLY B 483 13.19 23.97 -14.65
CA GLY B 483 13.52 24.71 -15.86
C GLY B 483 14.34 23.91 -16.86
N GLY B 484 15.15 22.99 -16.36
CA GLY B 484 15.99 22.18 -17.23
C GLY B 484 17.33 22.83 -17.52
N ALA B 485 17.88 22.57 -18.70
CA ALA B 485 19.19 23.10 -19.08
C ALA B 485 19.13 23.63 -20.51
N SER B 486 19.78 24.77 -20.72
CA SER B 486 19.88 25.34 -22.05
C SER B 486 21.03 24.69 -22.82
N LYS B 487 21.14 25.05 -24.10
CA LYS B 487 22.22 24.51 -24.93
C LYS B 487 23.59 24.97 -24.41
N LYS B 488 23.71 26.27 -24.07
CA LYS B 488 24.98 26.77 -23.58
C LYS B 488 25.36 26.13 -22.25
N GLU B 489 24.37 25.70 -21.47
CA GLU B 489 24.66 25.10 -20.16
C GLU B 489 25.07 23.64 -20.31
N THR B 490 24.38 22.89 -21.17
CA THR B 490 24.69 21.47 -21.35
C THR B 490 26.16 21.29 -21.75
N LYS B 491 26.55 21.85 -22.89
CA LYS B 491 27.92 21.68 -23.38
C LYS B 491 28.93 22.15 -22.34
N GLU B 492 28.58 23.15 -21.52
CA GLU B 492 29.49 23.62 -20.49
C GLU B 492 29.54 22.67 -19.30
N TRP B 493 28.42 22.06 -18.95
CA TRP B 493 28.37 21.14 -17.81
C TRP B 493 28.89 19.76 -18.13
N GLU B 494 28.87 19.35 -19.41
CA GLU B 494 29.41 18.04 -19.77
C GLU B 494 30.91 18.00 -19.53
N LYS B 495 31.62 19.07 -19.86
CA LYS B 495 33.04 19.14 -19.56
C LYS B 495 33.31 18.85 -18.08
N ILE B 496 32.37 19.23 -17.22
CA ILE B 496 32.48 18.89 -15.81
C ILE B 496 32.22 17.40 -15.60
N ARG B 497 31.21 16.86 -16.28
CA ARG B 497 30.86 15.46 -16.09
C ARG B 497 32.03 14.54 -16.44
N ASP B 498 32.73 14.82 -17.53
CA ASP B 498 33.80 13.94 -17.98
C ASP B 498 35.01 13.99 -17.06
N ALA B 499 35.16 15.03 -16.24
CA ALA B 499 36.26 15.15 -15.31
C ALA B 499 35.95 14.55 -13.95
N ILE B 500 34.96 13.67 -13.86
CA ILE B 500 34.52 13.10 -12.59
C ILE B 500 34.66 11.58 -12.64
N PRO B 501 35.19 10.93 -11.59
CA PRO B 501 35.19 9.47 -11.54
C PRO B 501 33.82 8.89 -11.20
CAC FLC C . -18.83 -5.49 34.46
CA FLC C . -19.51 -4.23 33.93
CB FLC C . -18.60 -3.03 33.59
CBC FLC C . -17.86 -2.49 34.84
CG FLC C . -17.61 -3.48 32.52
CGC FLC C . -18.15 -4.07 31.22
OA1 FLC C . -18.84 -5.65 35.71
OA2 FLC C . -18.31 -6.28 33.64
OB1 FLC C . -17.57 -1.27 34.82
OB2 FLC C . -17.59 -3.29 35.76
OG1 FLC C . -18.28 -3.32 30.24
OG2 FLC C . -18.42 -5.30 31.26
OHB FLC C . -19.42 -1.97 33.08
S SO4 D . -12.48 -5.89 11.79
O1 SO4 D . -11.38 -5.67 10.79
O2 SO4 D . -13.30 -4.64 11.91
O3 SO4 D . -11.88 -6.23 13.12
O4 SO4 D . -13.35 -7.02 11.33
S SO4 E . -15.54 5.41 16.49
O1 SO4 E . -16.04 5.96 17.79
O2 SO4 E . -15.28 6.53 15.55
O3 SO4 E . -14.28 4.64 16.72
O4 SO4 E . -16.58 4.49 15.90
ZN ZN F . -47.12 -0.81 41.87
O1 2PE G . 5.33 -0.98 3.38
C2 2PE G . 6.13 -1.84 4.16
C3 2PE G . 5.26 -2.58 5.14
O4 2PE G . 5.90 -3.73 5.64
C5 2PE G . 6.00 -4.78 4.70
C6 2PE G . 5.56 -6.08 5.33
O7 2PE G . 5.80 -7.15 4.44
C8 2PE G . 4.67 -7.99 4.31
C9 2PE G . 5.05 -9.25 3.58
O10 2PE G . 3.94 -9.75 2.85
C11 2PE G . 3.84 -9.17 1.58
C12 2PE G . 2.68 -9.75 0.82
O13 2PE G . 1.49 -9.11 1.20
C14 2PE G . 0.33 -9.79 0.78
C15 2PE G . 0.21 -9.76 -0.73
O16 2PE G . -1.14 -9.65 -1.10
C17 2PE G . -1.54 -10.61 -2.04
C18 2PE G . -2.82 -10.17 -2.70
O19 2PE G . -2.57 -9.08 -3.55
C20 2PE G . -3.73 -8.56 -4.16
C21 2PE G . -3.39 -7.34 -4.98
O22 2PE G . -4.46 -6.43 -4.98
C23 2PE G . -4.29 -5.38 -5.89
C24 2PE G . -4.93 -4.12 -5.37
O25 2PE G . -4.22 -3.67 -4.23
C26 2PE G . -4.42 -2.31 -3.93
C27 2PE G . -3.44 -1.88 -2.87
O28 2PE G . -3.35 -0.48 -2.84
CAC FLC H . 20.78 -5.86 -33.29
CA FLC H . 21.16 -4.38 -33.39
CB FLC H . 20.03 -3.35 -33.38
CBC FLC H . 19.22 -3.38 -34.69
CG FLC H . 19.12 -3.67 -32.19
CGC FLC H . 19.72 -3.63 -30.78
OA1 FLC H . 20.68 -6.49 -34.36
OA2 FLC H . 20.59 -6.34 -32.15
OB1 FLC H . 18.79 -2.27 -35.08
OB2 FLC H . 19.05 -4.47 -35.26
OG1 FLC H . 19.86 -2.53 -30.22
OG2 FLC H . 20.01 -4.75 -30.28
OHB FLC H . 20.58 -2.04 -33.22
S SO4 I . 15.35 6.32 -17.59
O1 SO4 I . 14.60 7.15 -16.58
O2 SO4 I . 15.26 6.97 -18.93
O3 SO4 I . 14.73 4.96 -17.65
O4 SO4 I . 16.78 6.20 -17.18
C1 GOL J . 24.51 -4.77 -38.33
O1 GOL J . 23.91 -5.37 -37.21
C2 GOL J . 25.95 -4.45 -38.01
O2 GOL J . 26.68 -5.66 -37.97
C3 GOL J . 26.56 -3.49 -39.04
O3 GOL J . 27.77 -3.00 -38.51
ZN ZN K . 46.55 3.59 -41.51
#